data_4ZOK
#
_entry.id   4ZOK
#
_cell.length_a   94.600
_cell.length_b   77.700
_cell.length_c   101.500
_cell.angle_alpha   90.00
_cell.angle_beta   110.90
_cell.angle_gamma   90.00
#
_symmetry.space_group_name_H-M   'C 1 2 1'
#
loop_
_entity.id
_entity.type
_entity.pdbx_description
1 polymer 'Anthranilate phosphoribosyltransferase'
2 non-polymer 'MAGNESIUM ION'
3 non-polymer 1-O-pyrophosphono-5-O-phosphono-alpha-D-ribofuranose
4 non-polymer '4-methyl-2-{[2-methyl-6-(methylsulfonyl)phenyl]amino}benzoic acid'
5 water water
#
_entity_poly.entity_id   1
_entity_poly.type   'polypeptide(L)'
_entity_poly.pdbx_seq_one_letter_code
;MVALSAEGSSGGSRGGSPKAEAASVPSWPQILGRLTDNRDLARGQAAWAMDQIMTGNARPAQIAAFAVAMTMKAPTADEV
GELAGVMLSHAHPLPADTVPDDAVDVVGTGGDGVNTVNLSTMAAIVVAAAGVPVVKHGNRAASSLSGGADTLEALGVRID
LGPDLVARSLAEVGIGFCFAPRFHPSYRHAAAVRREIGVPTVFNLLGPLTNPARPRAGLIGCAFADLAEVMAGVFAARRS
SVLVVHGDDGLDELTTTTTSTIWRVAAGSVDKLTFDPAGFGFARAQLDQLAGGDAQANAAAVRAVLGGARGPVRDAVVLN
AAGAIVAHAGLSSRAEWLPAWEEGLRRASAAIDTGAAEQLLARWVRFGRQILEHHHHHH
;
_entity_poly.pdbx_strand_id   A,B
#
# COMPACT_ATOMS: atom_id res chain seq x y z
N PRO A 26 -20.44 -0.66 -0.74
CA PRO A 26 -19.03 -0.30 -0.61
C PRO A 26 -18.24 -1.32 0.20
N SER A 27 -17.02 -1.62 -0.25
CA SER A 27 -16.19 -2.63 0.41
C SER A 27 -14.71 -2.34 0.19
N TRP A 28 -13.86 -3.04 0.93
CA TRP A 28 -12.42 -2.84 0.81
C TRP A 28 -11.89 -3.28 -0.56
N PRO A 29 -12.35 -4.43 -1.08
CA PRO A 29 -11.94 -4.80 -2.44
C PRO A 29 -12.30 -3.76 -3.48
N GLN A 30 -13.47 -3.13 -3.34
CA GLN A 30 -13.92 -2.13 -4.29
C GLN A 30 -13.05 -0.87 -4.19
N ILE A 31 -12.86 -0.38 -2.98
CA ILE A 31 -12.10 0.85 -2.77
C ILE A 31 -10.62 0.66 -3.10
N LEU A 32 -10.03 -0.39 -2.54
CA LEU A 32 -8.61 -0.67 -2.76
C LEU A 32 -8.34 -1.00 -4.22
N GLY A 33 -9.31 -1.62 -4.88
CA GLY A 33 -9.18 -1.96 -6.29
C GLY A 33 -9.13 -0.73 -7.17
N ARG A 34 -10.00 0.24 -6.87
CA ARG A 34 -10.09 1.46 -7.65
C ARG A 34 -8.85 2.33 -7.48
N LEU A 35 -8.25 2.29 -6.30
CA LEU A 35 -7.04 3.07 -6.01
C LEU A 35 -5.82 2.47 -6.69
N THR A 36 -5.74 1.15 -6.72
CA THR A 36 -4.62 0.48 -7.36
C THR A 36 -4.68 0.62 -8.88
N ASP A 37 -5.87 0.87 -9.40
CA ASP A 37 -6.02 1.16 -10.83
C ASP A 37 -5.73 2.64 -11.10
N ASN A 38 -5.33 3.36 -10.06
CA ASN A 38 -4.93 4.76 -10.17
C ASN A 38 -6.06 5.68 -10.63
N ARG A 39 -7.26 5.42 -10.10
CA ARG A 39 -8.41 6.29 -10.35
C ARG A 39 -8.85 6.98 -9.06
N ASP A 40 -9.37 8.19 -9.19
CA ASP A 40 -9.93 8.90 -8.04
C ASP A 40 -11.21 8.21 -7.58
N LEU A 41 -11.45 8.24 -6.28
CA LEU A 41 -12.62 7.60 -5.70
C LEU A 41 -13.89 8.38 -6.00
N ALA A 42 -15.02 7.71 -5.84
CA ALA A 42 -16.33 8.36 -5.95
C ALA A 42 -16.69 9.00 -4.62
N ARG A 43 -17.72 9.83 -4.62
CA ARG A 43 -18.14 10.52 -3.40
C ARG A 43 -18.59 9.55 -2.33
N GLY A 44 -18.00 9.66 -1.14
CA GLY A 44 -18.40 8.87 0.00
C GLY A 44 -17.56 7.63 0.24
N GLN A 45 -16.75 7.25 -0.72
CA GLN A 45 -15.92 6.04 -0.60
C GLN A 45 -14.81 6.22 0.43
N ALA A 46 -14.05 7.31 0.29
CA ALA A 46 -13.00 7.61 1.26
C ALA A 46 -13.60 7.77 2.65
N ALA A 47 -14.82 8.28 2.71
CA ALA A 47 -15.51 8.49 3.97
C ALA A 47 -15.93 7.17 4.62
N TRP A 48 -16.43 6.26 3.80
CA TRP A 48 -16.81 4.93 4.29
C TRP A 48 -15.58 4.21 4.84
N ALA A 49 -14.46 4.36 4.13
CA ALA A 49 -13.21 3.72 4.52
C ALA A 49 -12.76 4.17 5.90
N MET A 50 -12.78 5.49 6.12
CA MET A 50 -12.27 6.05 7.36
C MET A 50 -13.15 5.68 8.55
N ASP A 51 -14.45 5.58 8.31
CA ASP A 51 -15.40 5.26 9.36
C ASP A 51 -15.20 3.83 9.85
N GLN A 52 -14.90 2.93 8.93
CA GLN A 52 -14.62 1.54 9.28
C GLN A 52 -13.38 1.45 10.16
N ILE A 53 -12.39 2.27 9.85
CA ILE A 53 -11.14 2.30 10.61
C ILE A 53 -11.37 2.86 12.01
N MET A 54 -12.19 3.91 12.10
CA MET A 54 -12.43 4.58 13.37
C MET A 54 -13.33 3.77 14.29
N THR A 55 -14.22 2.96 13.72
CA THR A 55 -15.14 2.15 14.52
C THR A 55 -14.55 0.80 14.91
N GLY A 56 -13.28 0.58 14.56
CA GLY A 56 -12.58 -0.64 14.92
C GLY A 56 -13.04 -1.86 14.12
N ASN A 57 -13.60 -1.61 12.95
CA ASN A 57 -14.10 -2.70 12.10
C ASN A 57 -13.13 -3.06 10.96
N ALA A 58 -11.96 -2.42 10.96
CA ALA A 58 -10.97 -2.64 9.91
C ALA A 58 -9.77 -3.44 10.42
N ARG A 59 -9.37 -4.44 9.66
CA ARG A 59 -8.18 -5.23 10.00
C ARG A 59 -6.94 -4.39 9.73
N PRO A 60 -5.88 -4.57 10.56
CA PRO A 60 -4.65 -3.77 10.40
C PRO A 60 -4.09 -3.80 8.97
N ALA A 61 -4.25 -4.93 8.29
CA ALA A 61 -3.77 -5.07 6.92
C ALA A 61 -4.58 -4.20 5.97
N GLN A 62 -5.88 -4.09 6.23
CA GLN A 62 -6.76 -3.27 5.41
C GLN A 62 -6.47 -1.79 5.60
N ILE A 63 -6.20 -1.40 6.84
CA ILE A 63 -5.86 -0.02 7.17
C ILE A 63 -4.60 0.41 6.43
N ALA A 64 -3.60 -0.47 6.42
CA ALA A 64 -2.32 -0.17 5.78
C ALA A 64 -2.47 -0.10 4.26
N ALA A 65 -3.23 -1.04 3.71
CA ALA A 65 -3.45 -1.07 2.26
C ALA A 65 -4.12 0.20 1.76
N PHE A 66 -5.07 0.71 2.54
CA PHE A 66 -5.82 1.91 2.15
C PHE A 66 -4.97 3.16 2.25
N ALA A 67 -4.10 3.21 3.26
CA ALA A 67 -3.25 4.37 3.47
C ALA A 67 -2.23 4.51 2.35
N VAL A 68 -1.55 3.41 2.03
CA VAL A 68 -0.50 3.41 1.02
C VAL A 68 -1.06 3.65 -0.38
N ALA A 69 -2.20 3.04 -0.66
CA ALA A 69 -2.83 3.16 -1.98
C ALA A 69 -3.31 4.59 -2.24
N MET A 70 -3.87 5.21 -1.20
CA MET A 70 -4.37 6.58 -1.31
C MET A 70 -3.26 7.56 -1.62
N THR A 71 -2.06 7.28 -1.10
CA THR A 71 -0.93 8.19 -1.24
C THR A 71 -0.29 8.10 -2.61
N MET A 72 -0.08 6.87 -3.08
CA MET A 72 0.66 6.64 -4.33
C MET A 72 -0.16 7.02 -5.56
N LYS A 73 -1.47 7.04 -5.41
CA LYS A 73 -2.36 7.48 -6.50
C LYS A 73 -2.28 8.99 -6.69
N ALA A 74 -1.84 9.69 -5.64
CA ALA A 74 -1.87 11.16 -5.57
C ALA A 74 -3.28 11.62 -5.23
N PRO A 75 -3.57 11.86 -3.94
CA PRO A 75 -4.93 12.17 -3.52
C PRO A 75 -5.41 13.55 -3.94
N THR A 76 -6.73 13.74 -3.92
CA THR A 76 -7.34 15.02 -4.28
C THR A 76 -7.84 15.74 -3.03
N ALA A 77 -8.16 17.03 -3.19
CA ALA A 77 -8.66 17.83 -2.08
C ALA A 77 -9.97 17.27 -1.56
N ASP A 78 -10.79 16.73 -2.46
CA ASP A 78 -12.06 16.14 -2.06
C ASP A 78 -11.86 14.91 -1.19
N GLU A 79 -10.97 14.01 -1.62
CA GLU A 79 -10.72 12.77 -0.91
C GLU A 79 -10.14 13.00 0.48
N VAL A 80 -9.08 13.81 0.55
CA VAL A 80 -8.46 14.13 1.83
C VAL A 80 -9.47 14.84 2.72
N GLY A 81 -10.36 15.62 2.10
CA GLY A 81 -11.39 16.32 2.83
C GLY A 81 -12.38 15.40 3.52
N GLU A 82 -12.71 14.29 2.85
CA GLU A 82 -13.65 13.32 3.41
C GLU A 82 -13.09 12.63 4.64
N LEU A 83 -11.81 12.27 4.59
CA LEU A 83 -11.15 11.61 5.72
C LEU A 83 -11.17 12.48 6.97
N ALA A 84 -10.81 13.75 6.80
CA ALA A 84 -10.79 14.71 7.90
C ALA A 84 -12.18 14.91 8.46
N GLY A 85 -13.18 14.88 7.58
CA GLY A 85 -14.56 15.06 7.98
C GLY A 85 -15.04 13.94 8.90
N VAL A 86 -14.65 12.70 8.59
CA VAL A 86 -15.04 11.56 9.41
C VAL A 86 -14.38 11.62 10.78
N MET A 87 -13.10 12.00 10.82
CA MET A 87 -12.38 12.11 12.08
C MET A 87 -13.01 13.13 13.02
N LEU A 88 -13.32 14.30 12.47
CA LEU A 88 -13.92 15.37 13.27
C LEU A 88 -15.30 15.00 13.79
N SER A 89 -16.01 14.15 13.04
CA SER A 89 -17.35 13.74 13.44
C SER A 89 -17.31 12.77 14.63
N HIS A 90 -16.20 12.07 14.77
CA HIS A 90 -16.01 11.12 15.87
C HIS A 90 -15.29 11.74 17.07
N ALA A 91 -14.71 12.91 16.87
CA ALA A 91 -13.90 13.56 17.90
C ALA A 91 -14.73 14.12 19.04
N HIS A 92 -14.10 14.30 20.19
CA HIS A 92 -14.73 14.99 21.32
C HIS A 92 -14.81 16.49 21.03
N PRO A 93 -16.02 17.06 21.04
CA PRO A 93 -16.15 18.50 20.79
C PRO A 93 -15.98 19.34 22.05
N LEU A 94 -15.60 20.60 21.88
CA LEU A 94 -15.61 21.55 22.99
C LEU A 94 -17.02 22.08 23.17
N PRO A 95 -17.33 22.64 24.36
CA PRO A 95 -18.68 23.17 24.61
C PRO A 95 -19.08 24.25 23.61
N ALA A 96 -20.38 24.45 23.45
CA ALA A 96 -20.90 25.40 22.49
C ALA A 96 -20.59 26.84 22.90
N ASP A 97 -20.28 27.67 21.92
CA ASP A 97 -20.04 29.10 22.13
C ASP A 97 -18.88 29.35 23.11
N THR A 98 -17.82 28.55 23.00
CA THR A 98 -16.63 28.73 23.83
C THR A 98 -15.39 29.03 22.99
N VAL A 99 -15.49 28.80 21.68
CA VAL A 99 -14.39 29.06 20.76
C VAL A 99 -14.65 30.32 19.93
N PRO A 100 -13.78 31.34 20.06
CA PRO A 100 -13.93 32.54 19.24
C PRO A 100 -13.97 32.25 17.74
N ASP A 101 -14.69 33.06 16.99
CA ASP A 101 -14.84 32.86 15.55
C ASP A 101 -13.55 33.11 14.78
N ASP A 102 -12.59 33.78 15.44
CA ASP A 102 -11.33 34.15 14.78
C ASP A 102 -10.13 33.46 15.41
N ALA A 103 -10.34 32.30 16.02
CA ALA A 103 -9.25 31.55 16.63
C ALA A 103 -8.34 30.95 15.56
N VAL A 104 -7.05 30.86 15.86
CA VAL A 104 -6.07 30.34 14.92
C VAL A 104 -5.38 29.08 15.44
N ASP A 105 -4.83 28.30 14.52
CA ASP A 105 -4.03 27.12 14.85
C ASP A 105 -2.61 27.31 14.35
N VAL A 106 -1.68 26.61 14.97
CA VAL A 106 -0.28 26.60 14.54
C VAL A 106 0.28 25.19 14.75
N VAL A 107 0.39 24.45 13.65
CA VAL A 107 0.77 23.04 13.72
C VAL A 107 1.20 22.54 12.36
N GLY A 108 2.06 21.52 12.35
CA GLY A 108 2.58 20.96 11.11
C GLY A 108 2.39 19.45 11.02
N THR A 109 2.66 18.92 9.85
CA THR A 109 2.59 17.49 9.60
C THR A 109 3.64 16.73 10.41
N GLY A 110 4.79 17.38 10.62
CA GLY A 110 5.93 16.72 11.23
C GLY A 110 6.60 15.80 10.23
N GLY A 111 7.52 14.97 10.71
CA GLY A 111 8.19 14.00 9.85
C GLY A 111 9.05 14.66 8.79
N ASP A 112 9.61 15.82 9.10
CA ASP A 112 10.53 16.49 8.18
C ASP A 112 11.91 15.83 8.23
N GLY A 113 12.10 14.94 9.20
CA GLY A 113 13.36 14.22 9.34
C GLY A 113 14.48 15.08 9.91
N VAL A 114 14.13 16.28 10.35
CA VAL A 114 15.09 17.21 10.92
C VAL A 114 14.74 17.50 12.38
N ASN A 115 15.67 17.20 13.28
CA ASN A 115 15.45 17.39 14.71
C ASN A 115 15.68 18.83 15.12
N THR A 116 14.63 19.64 15.00
CA THR A 116 14.70 21.07 15.33
C THR A 116 13.98 21.37 16.64
N VAL A 117 14.15 22.59 17.12
CA VAL A 117 13.39 23.07 18.27
C VAL A 117 11.91 23.17 17.87
N ASN A 118 11.03 23.20 18.86
CA ASN A 118 9.60 23.18 18.61
C ASN A 118 9.07 24.56 18.21
N LEU A 119 9.19 24.89 16.93
CA LEU A 119 8.85 26.23 16.44
C LEU A 119 7.37 26.54 16.49
N SER A 120 6.53 25.57 16.12
CA SER A 120 5.08 25.77 16.13
C SER A 120 4.60 26.08 17.54
N THR A 121 5.06 25.29 18.50
CA THR A 121 4.68 25.47 19.90
C THR A 121 5.11 26.84 20.42
N MET A 122 6.35 27.22 20.11
CA MET A 122 6.87 28.51 20.54
C MET A 122 6.12 29.65 19.86
N ALA A 123 5.89 29.50 18.56
CA ALA A 123 5.17 30.52 17.80
C ALA A 123 3.75 30.67 18.30
N ALA A 124 3.14 29.55 18.68
CA ALA A 124 1.77 29.56 19.20
C ALA A 124 1.64 30.45 20.43
N ILE A 125 2.62 30.36 21.33
CA ILE A 125 2.60 31.15 22.56
C ILE A 125 2.69 32.64 22.24
N VAL A 126 3.54 32.98 21.28
CA VAL A 126 3.75 34.37 20.89
C VAL A 126 2.50 34.97 20.26
N VAL A 127 1.86 34.18 19.38
CA VAL A 127 0.63 34.62 18.73
C VAL A 127 -0.46 34.88 19.76
N ALA A 128 -0.58 33.98 20.73
CA ALA A 128 -1.56 34.13 21.81
C ALA A 128 -1.29 35.39 22.62
N ALA A 129 -0.02 35.68 22.86
CA ALA A 129 0.37 36.83 23.66
C ALA A 129 0.11 38.14 22.93
N ALA A 130 0.00 38.07 21.60
CA ALA A 130 -0.26 39.26 20.79
C ALA A 130 -1.75 39.59 20.74
N GLY A 131 -2.58 38.73 21.34
CA GLY A 131 -4.00 38.99 21.46
C GLY A 131 -4.87 38.15 20.54
N VAL A 132 -4.25 37.27 19.77
CA VAL A 132 -5.00 36.38 18.88
C VAL A 132 -5.24 35.04 19.58
N PRO A 133 -6.51 34.67 19.78
CA PRO A 133 -6.77 33.41 20.49
C PRO A 133 -6.25 32.20 19.72
N VAL A 134 -5.43 31.38 20.38
CA VAL A 134 -4.85 30.19 19.77
C VAL A 134 -5.37 28.92 20.44
N VAL A 135 -5.83 27.98 19.62
CA VAL A 135 -6.18 26.65 20.11
C VAL A 135 -5.34 25.63 19.35
N LYS A 136 -4.34 25.08 20.03
CA LYS A 136 -3.34 24.24 19.39
C LYS A 136 -3.69 22.76 19.44
N HIS A 137 -3.76 22.14 18.26
CA HIS A 137 -3.84 20.69 18.15
C HIS A 137 -2.43 20.14 18.24
N GLY A 138 -2.23 19.11 19.07
CA GLY A 138 -0.90 18.59 19.30
C GLY A 138 -0.83 17.11 19.62
N ASN A 139 0.40 16.61 19.70
CA ASN A 139 0.67 15.20 19.97
C ASN A 139 2.14 15.02 20.30
N ARG A 140 2.52 13.83 20.75
CA ARG A 140 3.92 13.54 21.04
C ARG A 140 4.70 13.35 19.75
N ALA A 141 6.02 13.20 19.87
CA ALA A 141 6.88 13.04 18.71
C ALA A 141 6.70 11.66 18.07
N ALA A 142 7.01 11.59 16.77
CA ALA A 142 6.99 10.33 16.05
C ALA A 142 8.42 9.88 15.73
N SER A 143 9.14 10.73 15.00
CA SER A 143 10.52 10.44 14.61
C SER A 143 11.50 11.27 15.42
N SER A 144 11.10 12.49 15.78
CA SER A 144 11.97 13.40 16.52
C SER A 144 12.15 12.95 17.96
N LEU A 145 13.01 13.66 18.69
CA LEU A 145 13.30 13.34 20.08
C LEU A 145 12.20 13.84 21.01
N SER A 146 11.65 15.01 20.68
CA SER A 146 10.63 15.64 21.52
C SER A 146 9.62 16.39 20.68
N GLY A 147 8.34 16.11 20.89
CA GLY A 147 7.27 16.78 20.18
C GLY A 147 6.74 17.95 21.00
N GLY A 148 5.72 18.61 20.48
CA GLY A 148 5.11 19.74 21.17
C GLY A 148 4.58 19.35 22.53
N ALA A 149 3.87 18.24 22.59
CA ALA A 149 3.27 17.77 23.84
C ALA A 149 4.34 17.40 24.86
N ASP A 150 5.42 16.79 24.39
CA ASP A 150 6.50 16.38 25.27
C ASP A 150 7.17 17.58 25.93
N THR A 151 7.37 18.64 25.14
CA THR A 151 8.04 19.85 25.62
C THR A 151 7.15 20.61 26.59
N LEU A 152 5.87 20.74 26.25
CA LEU A 152 4.90 21.41 27.12
C LEU A 152 4.83 20.71 28.48
N GLU A 153 4.91 19.39 28.47
CA GLU A 153 4.93 18.62 29.73
C GLU A 153 6.14 19.00 30.56
N ALA A 154 7.29 19.13 29.90
CA ALA A 154 8.53 19.46 30.57
C ALA A 154 8.48 20.87 31.15
N LEU A 155 7.65 21.73 30.55
CA LEU A 155 7.49 23.10 31.02
C LEU A 155 6.50 23.17 32.18
N GLY A 156 5.81 22.06 32.44
CA GLY A 156 4.86 21.99 33.53
C GLY A 156 3.42 22.25 33.09
N VAL A 157 3.22 22.34 31.78
CA VAL A 157 1.89 22.54 31.24
C VAL A 157 1.11 21.22 31.25
N ARG A 158 -0.13 21.27 31.72
CA ARG A 158 -0.99 20.10 31.74
C ARG A 158 -1.65 19.91 30.39
N ILE A 159 -1.23 18.87 29.66
CA ILE A 159 -1.73 18.62 28.32
C ILE A 159 -2.88 17.62 28.29
N ASP A 160 -3.12 16.95 29.42
CA ASP A 160 -4.11 15.87 29.49
C ASP A 160 -5.52 16.38 29.75
N LEU A 161 -5.73 17.68 29.62
CA LEU A 161 -7.02 18.29 29.94
C LEU A 161 -8.14 17.82 29.01
N GLY A 162 -9.37 17.88 29.50
CA GLY A 162 -10.54 17.50 28.73
C GLY A 162 -11.20 18.72 28.10
N PRO A 163 -12.26 18.49 27.30
CA PRO A 163 -12.98 19.53 26.57
C PRO A 163 -13.39 20.73 27.43
N ASP A 164 -13.96 20.47 28.60
CA ASP A 164 -14.42 21.53 29.49
C ASP A 164 -13.27 22.38 30.00
N LEU A 165 -12.14 21.75 30.29
CA LEU A 165 -11.00 22.44 30.87
C LEU A 165 -10.17 23.18 29.80
N VAL A 166 -10.14 22.65 28.59
CA VAL A 166 -9.43 23.31 27.50
C VAL A 166 -10.11 24.62 27.14
N ALA A 167 -11.44 24.62 27.21
CA ALA A 167 -12.22 25.82 26.91
C ALA A 167 -11.98 26.90 27.95
N ARG A 168 -11.85 26.49 29.21
CA ARG A 168 -11.54 27.43 30.29
C ARG A 168 -10.16 28.06 30.09
N SER A 169 -9.18 27.22 29.74
CA SER A 169 -7.82 27.67 29.52
C SER A 169 -7.76 28.74 28.44
N LEU A 170 -8.44 28.51 27.33
CA LEU A 170 -8.47 29.45 26.23
C LEU A 170 -9.07 30.79 26.67
N ALA A 171 -10.11 30.73 27.50
CA ALA A 171 -10.78 31.93 27.98
C ALA A 171 -9.95 32.68 29.02
N GLU A 172 -9.31 31.93 29.91
CA GLU A 172 -8.60 32.53 31.04
C GLU A 172 -7.15 32.87 30.71
N VAL A 173 -6.49 31.99 29.96
CA VAL A 173 -5.06 32.16 29.64
C VAL A 173 -4.87 32.79 28.27
N GLY A 174 -5.78 32.50 27.34
CA GLY A 174 -5.69 32.99 25.98
C GLY A 174 -5.22 31.92 25.02
N ILE A 175 -4.96 30.73 25.55
CA ILE A 175 -4.51 29.61 24.73
C ILE A 175 -4.93 28.29 25.36
N GLY A 176 -5.21 27.30 24.50
CA GLY A 176 -5.59 25.98 24.93
C GLY A 176 -4.90 24.91 24.10
N PHE A 177 -4.65 23.76 24.71
CA PHE A 177 -3.98 22.66 24.03
C PHE A 177 -4.84 21.40 23.98
N CYS A 178 -5.15 20.95 22.77
CA CYS A 178 -5.92 19.74 22.56
C CYS A 178 -5.01 18.56 22.24
N PHE A 179 -4.86 17.65 23.19
CA PHE A 179 -4.02 16.48 23.01
C PHE A 179 -4.76 15.44 22.18
N ALA A 180 -4.20 15.15 21.00
CA ALA A 180 -4.87 14.33 19.99
C ALA A 180 -5.49 13.03 20.52
N PRO A 181 -4.71 12.21 21.24
CA PRO A 181 -5.28 10.93 21.69
C PRO A 181 -6.42 11.08 22.71
N ARG A 182 -6.51 12.22 23.38
CA ARG A 182 -7.60 12.46 24.33
CA ARG A 182 -7.60 12.46 24.33
C ARG A 182 -8.88 12.83 23.59
N PHE A 183 -8.74 13.59 22.50
CA PHE A 183 -9.88 14.04 21.72
C PHE A 183 -10.23 13.08 20.59
N HIS A 184 -9.27 12.24 20.19
CA HIS A 184 -9.47 11.29 19.09
C HIS A 184 -9.18 9.86 19.52
N PRO A 185 -9.93 9.36 20.51
CA PRO A 185 -9.68 8.00 21.03
C PRO A 185 -9.91 6.92 19.98
N SER A 186 -10.80 7.18 19.01
CA SER A 186 -11.15 6.20 17.99
C SER A 186 -10.09 6.10 16.90
N TYR A 187 -9.19 7.07 16.85
CA TYR A 187 -8.13 7.09 15.84
C TYR A 187 -7.03 6.09 16.17
N ARG A 188 -7.14 5.47 17.35
CA ARG A 188 -6.07 4.61 17.87
C ARG A 188 -5.71 3.44 16.96
N HIS A 189 -6.70 2.93 16.24
CA HIS A 189 -6.47 1.81 15.34
C HIS A 189 -5.56 2.21 14.19
N ALA A 190 -5.83 3.39 13.62
CA ALA A 190 -5.01 3.91 12.52
C ALA A 190 -3.63 4.35 13.03
N ALA A 191 -3.58 4.75 14.30
CA ALA A 191 -2.33 5.22 14.90
C ALA A 191 -1.32 4.08 15.04
N ALA A 192 -1.79 2.92 15.49
CA ALA A 192 -0.93 1.77 15.68
C ALA A 192 -0.36 1.28 14.35
N VAL A 193 -1.16 1.35 13.30
CA VAL A 193 -0.74 0.91 11.98
C VAL A 193 0.30 1.87 11.40
N ARG A 194 0.10 3.16 11.63
CA ARG A 194 1.02 4.18 11.13
C ARG A 194 2.43 3.97 11.68
N ARG A 195 2.52 3.49 12.92
CA ARG A 195 3.80 3.30 13.57
C ARG A 195 4.47 1.99 13.12
N GLU A 196 3.66 1.03 12.71
CA GLU A 196 4.16 -0.28 12.32
C GLU A 196 4.78 -0.26 10.93
N ILE A 197 4.23 0.56 10.03
CA ILE A 197 4.72 0.61 8.65
C ILE A 197 5.81 1.67 8.49
N GLY A 198 5.72 2.74 9.28
CA GLY A 198 6.75 3.76 9.32
C GLY A 198 6.68 4.79 8.20
N VAL A 199 6.47 4.33 6.97
CA VAL A 199 6.46 5.22 5.81
C VAL A 199 5.36 6.29 5.92
N PRO A 200 5.65 7.53 5.51
CA PRO A 200 4.60 8.56 5.55
C PRO A 200 3.50 8.33 4.52
N THR A 201 2.27 8.65 4.90
CA THR A 201 1.12 8.48 4.02
C THR A 201 0.18 9.68 4.13
N VAL A 202 -0.99 9.57 3.50
CA VAL A 202 -2.00 10.62 3.56
C VAL A 202 -2.47 10.85 5.00
N PHE A 203 -2.29 9.85 5.85
CA PHE A 203 -2.66 9.96 7.26
C PHE A 203 -1.84 11.01 7.99
N ASN A 204 -0.61 11.24 7.54
CA ASN A 204 0.25 12.24 8.14
C ASN A 204 -0.26 13.66 7.92
N LEU A 205 -1.21 13.80 7.00
CA LEU A 205 -1.78 15.11 6.68
C LEU A 205 -2.98 15.45 7.56
N LEU A 206 -3.53 14.44 8.23
CA LEU A 206 -4.81 14.60 8.93
C LEU A 206 -4.72 15.40 10.22
N GLY A 207 -3.58 15.30 10.90
CA GLY A 207 -3.39 15.96 12.19
C GLY A 207 -3.73 17.43 12.18
N PRO A 208 -3.08 18.22 11.31
CA PRO A 208 -3.36 19.65 11.15
C PRO A 208 -4.77 19.93 10.62
N LEU A 209 -5.40 18.93 10.03
CA LEU A 209 -6.71 19.11 9.40
C LEU A 209 -7.87 18.76 10.33
N THR A 210 -7.56 18.17 11.49
CA THR A 210 -8.59 17.68 12.39
C THR A 210 -8.49 18.29 13.78
N ASN A 211 -8.23 19.59 13.85
CA ASN A 211 -8.29 20.32 15.11
C ASN A 211 -9.74 20.35 15.60
N PRO A 212 -10.01 19.72 16.78
CA PRO A 212 -11.40 19.58 17.22
C PRO A 212 -12.10 20.89 17.53
N ALA A 213 -11.33 21.95 17.79
CA ALA A 213 -11.91 23.26 18.05
C ALA A 213 -12.37 23.91 16.74
N ARG A 214 -11.81 23.45 15.63
CA ARG A 214 -12.20 23.90 14.30
C ARG A 214 -12.02 25.40 14.10
N PRO A 215 -10.78 25.89 14.18
CA PRO A 215 -10.48 27.29 13.89
C PRO A 215 -10.54 27.58 12.38
N ARG A 216 -10.96 28.79 12.03
CA ARG A 216 -11.14 29.15 10.63
C ARG A 216 -9.86 29.70 10.00
N ALA A 217 -8.80 29.78 10.80
CA ALA A 217 -7.52 30.28 10.30
C ALA A 217 -6.37 29.56 10.98
N GLY A 218 -5.17 29.72 10.42
CA GLY A 218 -3.99 29.12 11.02
C GLY A 218 -2.79 29.10 10.09
N LEU A 219 -1.63 28.78 10.67
CA LEU A 219 -0.41 28.56 9.91
C LEU A 219 -0.11 27.06 9.90
N ILE A 220 -0.22 26.45 8.72
CA ILE A 220 -0.11 24.99 8.61
C ILE A 220 1.18 24.60 7.90
N GLY A 221 2.02 23.83 8.61
CA GLY A 221 3.27 23.35 8.06
C GLY A 221 3.12 22.01 7.38
N CYS A 222 3.80 21.83 6.26
CA CYS A 222 3.76 20.58 5.51
C CYS A 222 5.14 20.18 5.03
N ALA A 223 5.58 19.00 5.46
CA ALA A 223 6.91 18.51 5.12
C ALA A 223 6.96 17.96 3.69
N PHE A 224 5.80 17.68 3.12
CA PHE A 224 5.72 17.05 1.81
C PHE A 224 5.20 18.05 0.77
N ALA A 225 6.09 18.47 -0.13
CA ALA A 225 5.78 19.54 -1.07
C ALA A 225 4.71 19.16 -2.07
N ASP A 226 4.66 17.88 -2.43
CA ASP A 226 3.71 17.40 -3.42
C ASP A 226 2.30 17.26 -2.85
N LEU A 227 2.18 17.37 -1.53
CA LEU A 227 0.89 17.22 -0.84
C LEU A 227 0.42 18.53 -0.22
N ALA A 228 1.31 19.52 -0.15
CA ALA A 228 0.97 20.80 0.46
C ALA A 228 -0.17 21.47 -0.28
N GLU A 229 -0.17 21.36 -1.61
CA GLU A 229 -1.22 21.95 -2.42
C GLU A 229 -2.56 21.27 -2.17
N VAL A 230 -2.50 20.01 -1.73
CA VAL A 230 -3.71 19.25 -1.44
C VAL A 230 -4.33 19.73 -0.13
N MET A 231 -3.49 19.99 0.87
CA MET A 231 -3.97 20.48 2.16
C MET A 231 -4.63 21.84 2.01
N ALA A 232 -4.06 22.68 1.16
CA ALA A 232 -4.60 24.01 0.90
C ALA A 232 -5.98 23.92 0.25
N GLY A 233 -6.19 22.90 -0.56
CA GLY A 233 -7.46 22.69 -1.21
C GLY A 233 -8.55 22.36 -0.20
N VAL A 234 -8.17 21.60 0.83
CA VAL A 234 -9.11 21.21 1.88
C VAL A 234 -9.57 22.44 2.67
N PHE A 235 -8.61 23.29 3.05
CA PHE A 235 -8.92 24.50 3.78
C PHE A 235 -9.76 25.46 2.95
N ALA A 236 -9.46 25.54 1.66
CA ALA A 236 -10.19 26.41 0.76
C ALA A 236 -11.67 26.03 0.69
N ALA A 237 -11.92 24.73 0.65
CA ALA A 237 -13.29 24.21 0.64
C ALA A 237 -14.04 24.62 1.89
N ARG A 238 -13.32 24.69 3.01
CA ARG A 238 -13.90 25.15 4.27
C ARG A 238 -14.05 26.67 4.31
N ARG A 239 -13.56 27.32 3.25
CA ARG A 239 -13.54 28.77 3.20
C ARG A 239 -12.76 29.34 4.39
N SER A 240 -11.60 28.74 4.64
CA SER A 240 -10.73 29.17 5.73
C SER A 240 -9.63 30.09 5.23
N SER A 241 -9.09 30.92 6.11
CA SER A 241 -7.95 31.78 5.81
C SER A 241 -6.68 31.17 6.36
N VAL A 242 -5.95 30.45 5.52
CA VAL A 242 -4.80 29.68 5.96
C VAL A 242 -3.58 29.91 5.08
N LEU A 243 -2.39 29.82 5.68
CA LEU A 243 -1.15 29.80 4.94
C LEU A 243 -0.49 28.43 5.09
N VAL A 244 -0.56 27.63 4.04
CA VAL A 244 0.11 26.33 4.04
C VAL A 244 1.57 26.53 3.63
N VAL A 245 2.49 26.23 4.53
CA VAL A 245 3.90 26.56 4.33
C VAL A 245 4.80 25.33 4.27
N HIS A 246 5.84 25.44 3.45
CA HIS A 246 6.84 24.40 3.33
C HIS A 246 8.19 25.04 2.99
N GLY A 247 9.13 24.96 3.93
CA GLY A 247 10.46 25.50 3.71
C GLY A 247 11.14 24.80 2.55
N ASP A 248 11.78 25.58 1.67
CA ASP A 248 12.47 25.01 0.53
C ASP A 248 13.72 24.23 0.96
N ASP A 249 14.03 24.29 2.26
CA ASP A 249 15.10 23.49 2.83
C ASP A 249 14.58 22.12 3.29
N GLY A 250 13.27 22.05 3.55
CA GLY A 250 12.63 20.79 3.89
C GLY A 250 11.76 20.83 5.14
N LEU A 251 11.86 21.91 5.91
CA LEU A 251 11.12 22.03 7.16
C LEU A 251 9.62 22.23 6.95
N ASP A 252 8.84 21.79 7.93
CA ASP A 252 7.40 22.03 7.92
C ASP A 252 7.09 23.32 8.68
N GLU A 253 7.91 24.34 8.43
CA GLU A 253 7.75 25.65 9.05
C GLU A 253 8.18 26.71 8.05
N LEU A 254 7.98 27.98 8.39
CA LEU A 254 8.57 29.06 7.63
C LEU A 254 10.04 29.18 8.01
N THR A 255 10.92 28.75 7.12
CA THR A 255 12.35 28.67 7.41
C THR A 255 13.06 29.99 7.21
N THR A 256 14.27 30.08 7.76
CA THR A 256 15.10 31.27 7.65
C THR A 256 16.37 30.99 6.85
N THR A 257 16.63 29.70 6.59
CA THR A 257 17.83 29.30 5.86
C THR A 257 17.71 29.58 4.37
N THR A 258 16.48 29.78 3.90
CA THR A 258 16.23 30.05 2.50
C THR A 258 14.79 30.52 2.29
N THR A 259 14.34 30.51 1.04
CA THR A 259 12.97 30.90 0.71
C THR A 259 11.98 29.84 1.19
N SER A 260 10.70 30.21 1.20
CA SER A 260 9.64 29.29 1.60
C SER A 260 8.47 29.37 0.62
N THR A 261 7.90 28.22 0.30
CA THR A 261 6.74 28.16 -0.58
C THR A 261 5.46 28.27 0.25
N ILE A 262 4.62 29.25 -0.08
CA ILE A 262 3.38 29.48 0.64
C ILE A 262 2.18 29.35 -0.29
N TRP A 263 1.26 28.46 0.07
CA TRP A 263 -0.03 28.38 -0.59
C TRP A 263 -1.02 29.24 0.17
N ARG A 264 -1.33 30.41 -0.38
CA ARG A 264 -2.24 31.35 0.26
CA ARG A 264 -2.24 31.35 0.26
C ARG A 264 -3.69 30.96 0.00
N VAL A 265 -4.39 30.57 1.07
CA VAL A 265 -5.79 30.19 0.98
C VAL A 265 -6.68 31.34 1.45
N ALA A 266 -7.54 31.83 0.55
CA ALA A 266 -8.43 32.94 0.87
C ALA A 266 -9.57 33.04 -0.16
N ALA A 267 -10.76 33.34 0.33
CA ALA A 267 -11.94 33.49 -0.52
C ALA A 267 -12.20 32.24 -1.35
N GLY A 268 -11.93 31.08 -0.76
CA GLY A 268 -12.15 29.81 -1.41
C GLY A 268 -11.17 29.52 -2.53
N SER A 269 -10.19 30.41 -2.70
CA SER A 269 -9.20 30.27 -3.77
C SER A 269 -7.81 30.05 -3.21
N VAL A 270 -6.98 29.33 -3.97
CA VAL A 270 -5.60 29.07 -3.61
C VAL A 270 -4.66 29.84 -4.53
N ASP A 271 -3.60 30.40 -3.95
CA ASP A 271 -2.61 31.14 -4.72
C ASP A 271 -1.20 30.77 -4.27
N LYS A 272 -0.44 30.14 -5.15
CA LYS A 272 0.93 29.74 -4.82
C LYS A 272 1.86 30.95 -4.89
N LEU A 273 2.65 31.12 -3.83
CA LEU A 273 3.60 32.22 -3.76
C LEU A 273 4.94 31.72 -3.22
N THR A 274 5.96 32.54 -3.37
CA THR A 274 7.27 32.27 -2.80
C THR A 274 7.64 33.42 -1.86
N PHE A 275 7.96 33.07 -0.62
CA PHE A 275 8.29 34.05 0.41
C PHE A 275 9.80 34.13 0.63
N ASP A 276 10.32 35.35 0.70
CA ASP A 276 11.75 35.58 0.93
C ASP A 276 11.94 36.47 2.15
N PRO A 277 12.44 35.91 3.27
CA PRO A 277 12.65 36.71 4.49
C PRO A 277 13.58 37.89 4.29
N ALA A 278 14.48 37.80 3.32
CA ALA A 278 15.45 38.86 3.05
C ALA A 278 14.72 40.16 2.69
N GLY A 279 13.54 40.03 2.11
CA GLY A 279 12.74 41.18 1.74
C GLY A 279 12.23 41.96 2.94
N PHE A 280 12.37 41.37 4.12
CA PHE A 280 11.93 42.00 5.37
C PHE A 280 13.10 42.15 6.35
N GLY A 281 14.31 42.03 5.84
CA GLY A 281 15.51 42.30 6.62
C GLY A 281 15.93 41.18 7.55
N PHE A 282 15.58 39.94 7.20
CA PHE A 282 16.00 38.78 7.97
C PHE A 282 17.29 38.20 7.42
N ALA A 283 18.16 37.76 8.31
CA ALA A 283 19.45 37.19 7.93
C ALA A 283 19.33 35.71 7.62
N ARG A 284 20.07 35.26 6.62
CA ARG A 284 20.14 33.84 6.28
C ARG A 284 20.85 33.06 7.38
N ALA A 285 20.21 32.01 7.86
CA ALA A 285 20.76 31.18 8.93
C ALA A 285 21.13 29.80 8.41
N GLN A 286 21.87 29.05 9.22
CA GLN A 286 22.18 27.66 8.92
C GLN A 286 21.25 26.74 9.71
N LEU A 287 20.87 25.63 9.09
CA LEU A 287 19.85 24.75 9.66
C LEU A 287 20.28 24.17 11.02
N ASP A 288 21.57 23.98 11.20
CA ASP A 288 22.08 23.41 12.45
C ASP A 288 21.85 24.36 13.63
N GLN A 289 21.64 25.63 13.34
CA GLN A 289 21.39 26.62 14.38
C GLN A 289 20.00 26.48 15.00
N LEU A 290 19.12 25.74 14.32
CA LEU A 290 17.77 25.53 14.79
C LEU A 290 17.58 24.14 15.39
N ALA A 291 18.69 23.44 15.63
CA ALA A 291 18.64 22.08 16.13
C ALA A 291 18.15 22.04 17.58
N GLY A 292 17.58 20.90 17.97
CA GLY A 292 17.07 20.71 19.31
C GLY A 292 17.54 19.40 19.92
N GLY A 293 16.81 18.92 20.94
CA GLY A 293 17.17 17.69 21.62
C GLY A 293 15.97 17.06 22.31
N ASP A 294 16.20 16.56 23.53
CA ASP A 294 15.14 15.90 24.29
C ASP A 294 14.16 16.92 24.85
N ALA A 295 13.20 16.44 25.63
CA ALA A 295 12.16 17.30 26.19
C ALA A 295 12.75 18.33 27.14
N GLN A 296 13.67 17.90 27.99
CA GLN A 296 14.30 18.78 28.96
C GLN A 296 15.07 19.90 28.26
N ALA A 297 15.73 19.56 27.17
CA ALA A 297 16.53 20.52 26.43
C ALA A 297 15.65 21.49 25.65
N ASN A 298 14.65 20.97 24.97
CA ASN A 298 13.75 21.80 24.19
C ASN A 298 12.93 22.76 25.06
N ALA A 299 12.66 22.35 26.30
CA ALA A 299 11.95 23.20 27.24
C ALA A 299 12.80 24.42 27.57
N ALA A 300 14.10 24.20 27.77
CA ALA A 300 15.03 25.28 28.06
C ALA A 300 15.13 26.26 26.90
N ALA A 301 15.00 25.74 25.68
CA ALA A 301 15.07 26.56 24.49
C ALA A 301 13.90 27.54 24.42
N VAL A 302 12.74 27.10 24.91
CA VAL A 302 11.56 27.94 24.95
C VAL A 302 11.76 29.11 25.91
N ARG A 303 12.27 28.79 27.10
CA ARG A 303 12.51 29.81 28.12
C ARG A 303 13.51 30.86 27.62
N ALA A 304 14.43 30.44 26.76
CA ALA A 304 15.44 31.33 26.22
C ALA A 304 14.83 32.36 25.28
N VAL A 305 14.05 31.90 24.31
CA VAL A 305 13.44 32.78 23.32
C VAL A 305 12.45 33.73 23.97
N LEU A 306 11.62 33.20 24.86
CA LEU A 306 10.65 34.01 25.57
C LEU A 306 11.33 34.96 26.55
N GLY A 307 12.55 34.61 26.93
CA GLY A 307 13.34 35.45 27.82
C GLY A 307 13.88 36.68 27.11
N GLY A 308 13.84 36.65 25.78
CA GLY A 308 14.28 37.78 24.97
C GLY A 308 15.63 37.59 24.34
N ALA A 309 16.08 36.33 24.27
CA ALA A 309 17.36 36.01 23.63
C ALA A 309 17.27 36.23 22.12
N ARG A 310 18.22 36.97 21.58
CA ARG A 310 18.28 37.22 20.14
C ARG A 310 19.10 36.14 19.45
N GLY A 311 18.75 35.85 18.20
CA GLY A 311 19.44 34.82 17.45
C GLY A 311 18.57 34.23 16.35
N PRO A 312 19.05 33.17 15.71
CA PRO A 312 18.31 32.54 14.60
C PRO A 312 17.00 31.91 15.04
N VAL A 313 16.95 31.38 16.26
CA VAL A 313 15.74 30.75 16.77
C VAL A 313 14.62 31.77 16.94
N ARG A 314 14.97 32.95 17.46
CA ARG A 314 14.01 34.03 17.61
C ARG A 314 13.43 34.44 16.27
N ASP A 315 14.31 34.66 15.29
CA ASP A 315 13.90 35.07 13.96
C ASP A 315 12.90 34.08 13.36
N ALA A 316 13.15 32.79 13.60
CA ALA A 316 12.28 31.75 13.08
C ALA A 316 10.90 31.80 13.73
N VAL A 317 10.87 31.98 15.05
CA VAL A 317 9.62 32.04 15.80
C VAL A 317 8.81 33.27 15.43
N VAL A 318 9.49 34.41 15.28
CA VAL A 318 8.84 35.67 14.93
C VAL A 318 8.22 35.61 13.53
N LEU A 319 8.92 34.95 12.62
CA LEU A 319 8.41 34.80 11.24
C LEU A 319 7.18 33.92 11.21
N ASN A 320 7.25 32.75 11.85
CA ASN A 320 6.11 31.85 11.92
C ASN A 320 4.96 32.46 12.69
N ALA A 321 5.27 33.17 13.77
CA ALA A 321 4.26 33.88 14.53
C ALA A 321 3.56 34.91 13.64
N ALA A 322 4.36 35.67 12.90
CA ALA A 322 3.84 36.68 11.98
C ALA A 322 2.98 36.04 10.89
N GLY A 323 3.38 34.87 10.42
CA GLY A 323 2.63 34.17 9.41
C GLY A 323 1.23 33.84 9.88
N ALA A 324 1.11 33.45 11.14
CA ALA A 324 -0.17 33.11 11.73
C ALA A 324 -1.06 34.34 11.86
N ILE A 325 -0.44 35.49 12.11
CA ILE A 325 -1.18 36.74 12.25
C ILE A 325 -1.70 37.22 10.89
N VAL A 326 -0.95 36.95 9.83
CA VAL A 326 -1.38 37.29 8.48
C VAL A 326 -2.58 36.45 8.07
N ALA A 327 -2.54 35.17 8.43
CA ALA A 327 -3.66 34.27 8.16
C ALA A 327 -4.90 34.72 8.92
N HIS A 328 -4.69 35.25 10.12
CA HIS A 328 -5.79 35.74 10.94
C HIS A 328 -6.44 36.97 10.31
N ALA A 329 -5.62 37.87 9.79
CA ALA A 329 -6.11 39.08 9.16
C ALA A 329 -6.83 38.78 7.85
N GLY A 330 -6.55 37.63 7.27
CA GLY A 330 -7.15 37.23 6.01
C GLY A 330 -8.62 36.87 6.12
N LEU A 331 -9.10 36.78 7.35
CA LEU A 331 -10.52 36.49 7.60
C LEU A 331 -11.39 37.66 7.17
N SER A 332 -10.77 38.81 6.92
CA SER A 332 -11.47 40.00 6.45
C SER A 332 -10.93 40.47 5.10
N GLU A 336 -4.10 43.69 2.09
CA GLU A 336 -2.91 43.73 1.24
C GLU A 336 -1.85 42.77 1.76
N TRP A 337 -1.12 42.15 0.84
CA TRP A 337 -0.16 41.11 1.18
C TRP A 337 1.04 41.66 1.94
N LEU A 338 1.78 42.57 1.32
CA LEU A 338 2.99 43.11 1.93
C LEU A 338 2.70 43.89 3.22
N PRO A 339 1.72 44.81 3.17
CA PRO A 339 1.37 45.58 4.38
C PRO A 339 0.92 44.70 5.55
N ALA A 340 0.33 43.54 5.25
CA ALA A 340 -0.13 42.64 6.30
C ALA A 340 1.05 41.96 7.00
N TRP A 341 2.07 41.61 6.24
CA TRP A 341 3.25 40.98 6.81
C TRP A 341 4.02 41.95 7.70
N GLU A 342 4.09 43.20 7.27
CA GLU A 342 4.76 44.23 8.05
C GLU A 342 4.12 44.36 9.42
N GLU A 343 2.80 44.55 9.43
CA GLU A 343 2.04 44.65 10.68
C GLU A 343 2.19 43.37 11.52
N GLY A 344 2.24 42.24 10.83
CA GLY A 344 2.39 40.96 11.51
C GLY A 344 3.72 40.81 12.21
N LEU A 345 4.78 41.30 11.57
CA LEU A 345 6.11 41.23 12.14
C LEU A 345 6.27 42.18 13.34
N ARG A 346 5.48 43.24 13.36
CA ARG A 346 5.51 44.18 14.47
C ARG A 346 4.92 43.57 15.74
N ARG A 347 3.75 42.95 15.59
CA ARG A 347 3.02 42.41 16.74
C ARG A 347 3.74 41.21 17.35
N ALA A 348 4.37 40.39 16.52
CA ALA A 348 5.10 39.22 16.99
C ALA A 348 6.32 39.62 17.81
N SER A 349 7.12 40.52 17.26
CA SER A 349 8.30 41.03 17.96
C SER A 349 7.91 41.68 19.29
N ALA A 350 6.89 42.54 19.23
CA ALA A 350 6.43 43.27 20.41
C ALA A 350 5.90 42.33 21.49
N ALA A 351 5.29 41.22 21.07
CA ALA A 351 4.71 40.27 22.02
C ALA A 351 5.79 39.65 22.92
N ILE A 352 7.02 39.56 22.39
CA ILE A 352 8.13 39.01 23.16
C ILE A 352 8.84 40.10 23.95
N ASP A 353 9.12 41.23 23.30
CA ASP A 353 9.89 42.30 23.90
C ASP A 353 9.22 42.90 25.13
N THR A 354 7.89 42.92 25.14
CA THR A 354 7.13 43.43 26.28
C THR A 354 7.06 42.40 27.40
N GLY A 355 7.43 41.16 27.09
CA GLY A 355 7.43 40.09 28.07
C GLY A 355 6.09 39.37 28.19
N ALA A 356 5.13 39.74 27.35
CA ALA A 356 3.79 39.18 27.42
C ALA A 356 3.80 37.67 27.18
N ALA A 357 4.66 37.22 26.28
CA ALA A 357 4.76 35.81 25.93
C ALA A 357 5.28 34.99 27.11
N GLU A 358 6.29 35.52 27.79
CA GLU A 358 6.88 34.87 28.95
C GLU A 358 5.87 34.77 30.09
N GLN A 359 5.09 35.83 30.27
CA GLN A 359 4.07 35.87 31.31
C GLN A 359 2.92 34.91 31.02
N LEU A 360 2.55 34.80 29.75
CA LEU A 360 1.43 33.93 29.35
C LEU A 360 1.75 32.47 29.62
N LEU A 361 3.01 32.08 29.45
CA LEU A 361 3.43 30.71 29.70
C LEU A 361 3.33 30.36 31.18
N ALA A 362 3.82 31.26 32.02
CA ALA A 362 3.80 31.05 33.47
C ALA A 362 2.37 30.93 33.98
N ARG A 363 1.49 31.81 33.50
CA ARG A 363 0.09 31.77 33.88
C ARG A 363 -0.57 30.50 33.37
N TRP A 364 -0.07 29.97 32.27
CA TRP A 364 -0.59 28.73 31.70
C TRP A 364 -0.25 27.55 32.61
N VAL A 365 0.93 27.60 33.21
CA VAL A 365 1.38 26.53 34.11
C VAL A 365 0.61 26.57 35.43
N ARG A 366 0.33 27.77 35.91
CA ARG A 366 -0.41 27.95 37.16
C ARG A 366 -1.85 27.48 37.01
N PHE A 367 -2.41 27.65 35.82
CA PHE A 367 -3.78 27.25 35.55
C PHE A 367 -3.96 25.74 35.73
N GLY A 368 -2.95 24.98 35.35
CA GLY A 368 -3.01 23.53 35.41
C GLY A 368 -3.02 23.00 36.83
N ARG A 369 -2.27 23.65 37.70
CA ARG A 369 -2.15 23.22 39.09
C ARG A 369 -3.26 23.80 39.97
N GLN A 370 -4.11 24.63 39.37
CA GLN A 370 -5.24 25.23 40.10
C GLN A 370 -6.50 24.39 39.91
N PRO B 26 18.93 -2.21 6.01
CA PRO B 26 17.62 -2.42 5.40
C PRO B 26 16.48 -2.30 6.42
N SER B 27 15.39 -1.65 6.03
CA SER B 27 14.25 -1.46 6.92
C SER B 27 12.97 -1.26 6.12
N TRP B 28 11.83 -1.34 6.79
CA TRP B 28 10.54 -1.15 6.13
C TRP B 28 10.35 0.29 5.64
N PRO B 29 10.68 1.29 6.48
CA PRO B 29 10.56 2.67 6.01
C PRO B 29 11.40 2.96 4.78
N GLN B 30 12.59 2.37 4.70
CA GLN B 30 13.49 2.56 3.56
C GLN B 30 12.87 2.00 2.28
N ILE B 31 12.49 0.73 2.33
CA ILE B 31 11.97 0.03 1.16
C ILE B 31 10.61 0.59 0.73
N LEU B 32 9.71 0.75 1.69
CA LEU B 32 8.37 1.26 1.40
C LEU B 32 8.41 2.70 0.88
N GLY B 33 9.33 3.50 1.44
CA GLY B 33 9.46 4.89 1.06
C GLY B 33 9.95 5.05 -0.36
N ARG B 34 10.83 4.14 -0.77
CA ARG B 34 11.41 4.18 -2.12
C ARG B 34 10.34 3.87 -3.17
N LEU B 35 9.39 3.02 -2.80
CA LEU B 35 8.32 2.62 -3.72
C LEU B 35 7.29 3.73 -3.90
N THR B 36 6.91 4.37 -2.80
CA THR B 36 5.93 5.45 -2.84
C THR B 36 6.46 6.66 -3.61
N ASP B 37 7.79 6.72 -3.77
CA ASP B 37 8.42 7.75 -4.58
C ASP B 37 8.47 7.31 -6.06
N ASN B 38 7.82 6.20 -6.36
CA ASN B 38 7.72 5.69 -7.72
C ASN B 38 9.10 5.30 -8.28
N ARG B 39 9.96 4.75 -7.43
CA ARG B 39 11.27 4.29 -7.85
C ARG B 39 11.39 2.77 -7.73
N ASP B 40 12.17 2.18 -8.64
CA ASP B 40 12.47 0.76 -8.57
C ASP B 40 13.37 0.49 -7.37
N LEU B 41 13.23 -0.69 -6.77
CA LEU B 41 14.02 -1.05 -5.60
C LEU B 41 15.47 -1.32 -5.98
N ALA B 42 16.36 -1.21 -5.00
CA ALA B 42 17.75 -1.59 -5.18
C ALA B 42 17.85 -3.11 -5.19
N ARG B 43 18.95 -3.62 -5.74
CA ARG B 43 19.17 -5.06 -5.79
C ARG B 43 19.23 -5.66 -4.39
N GLY B 44 18.36 -6.64 -4.13
CA GLY B 44 18.38 -7.37 -2.87
C GLY B 44 17.36 -6.90 -1.85
N GLN B 45 16.80 -5.71 -2.05
CA GLN B 45 15.84 -5.15 -1.10
C GLN B 45 14.53 -5.94 -1.08
N ALA B 46 14.07 -6.36 -2.26
CA ALA B 46 12.85 -7.14 -2.36
C ALA B 46 13.02 -8.47 -1.64
N ALA B 47 14.22 -9.03 -1.72
CA ALA B 47 14.53 -10.29 -1.05
C ALA B 47 14.44 -10.15 0.46
N TRP B 48 14.99 -9.06 0.98
CA TRP B 48 14.98 -8.79 2.42
C TRP B 48 13.56 -8.71 2.94
N ALA B 49 12.70 -7.98 2.23
CA ALA B 49 11.32 -7.79 2.64
C ALA B 49 10.59 -9.12 2.70
N MET B 50 10.82 -9.98 1.71
CA MET B 50 10.13 -11.25 1.62
C MET B 50 10.62 -12.22 2.70
N ASP B 51 11.87 -12.10 3.09
CA ASP B 51 12.43 -12.98 4.11
C ASP B 51 11.87 -12.65 5.50
N GLN B 52 11.62 -11.37 5.75
CA GLN B 52 11.00 -10.95 7.00
C GLN B 52 9.59 -11.53 7.11
N ILE B 53 8.91 -11.64 5.97
CA ILE B 53 7.57 -12.18 5.93
C ILE B 53 7.56 -13.69 6.07
N MET B 54 8.57 -14.34 5.50
CA MET B 54 8.65 -15.80 5.49
C MET B 54 9.31 -16.36 6.75
N THR B 55 9.54 -15.51 7.75
CA THR B 55 10.12 -15.95 9.01
C THR B 55 9.32 -15.47 10.22
N GLY B 56 8.19 -14.84 9.95
CA GLY B 56 7.30 -14.40 11.01
C GLY B 56 7.78 -13.16 11.74
N ASN B 57 8.72 -12.44 11.12
CA ASN B 57 9.24 -11.19 11.69
C ASN B 57 8.60 -9.97 11.01
N ALA B 58 7.37 -10.14 10.53
CA ALA B 58 6.67 -9.05 9.85
C ALA B 58 5.19 -9.07 10.22
N ARG B 59 4.72 -7.99 10.82
CA ARG B 59 3.32 -7.86 11.19
C ARG B 59 2.47 -7.71 9.94
N PRO B 60 1.18 -8.10 10.01
CA PRO B 60 0.26 -7.99 8.87
C PRO B 60 0.25 -6.61 8.22
N ALA B 61 0.33 -5.57 9.03
CA ALA B 61 0.33 -4.20 8.52
C ALA B 61 1.52 -3.96 7.61
N GLN B 62 2.66 -4.52 7.96
CA GLN B 62 3.88 -4.37 7.17
C GLN B 62 3.78 -5.16 5.88
N ILE B 63 3.17 -6.34 5.94
CA ILE B 63 2.98 -7.18 4.77
C ILE B 63 2.08 -6.50 3.74
N ALA B 64 0.98 -5.92 4.23
CA ALA B 64 0.01 -5.27 3.36
C ALA B 64 0.60 -4.04 2.66
N ALA B 65 1.35 -3.25 3.40
CA ALA B 65 1.95 -2.04 2.86
C ALA B 65 2.89 -2.38 1.70
N PHE B 66 3.71 -3.41 1.88
CA PHE B 66 4.67 -3.81 0.86
C PHE B 66 3.99 -4.37 -0.39
N ALA B 67 2.97 -5.20 -0.19
CA ALA B 67 2.26 -5.80 -1.30
C ALA B 67 1.60 -4.75 -2.19
N VAL B 68 0.96 -3.77 -1.57
CA VAL B 68 0.28 -2.71 -2.31
C VAL B 68 1.26 -1.79 -3.02
N ALA B 69 2.27 -1.34 -2.28
CA ALA B 69 3.27 -0.42 -2.82
C ALA B 69 3.98 -1.03 -4.03
N MET B 70 4.27 -2.32 -3.95
CA MET B 70 4.96 -3.01 -5.03
C MET B 70 4.10 -3.07 -6.29
N THR B 71 2.80 -3.25 -6.09
CA THR B 71 1.86 -3.38 -7.21
C THR B 71 1.66 -2.07 -7.97
N MET B 72 1.50 -0.97 -7.22
CA MET B 72 1.16 0.31 -7.84
C MET B 72 2.38 0.99 -8.47
N LYS B 73 3.57 0.63 -7.99
CA LYS B 73 4.80 1.20 -8.54
C LYS B 73 5.04 0.68 -9.95
N ALA B 74 4.56 -0.55 -10.21
CA ALA B 74 4.81 -1.32 -11.43
C ALA B 74 6.12 -2.11 -11.27
N PRO B 75 6.00 -3.38 -10.84
CA PRO B 75 7.20 -4.16 -10.52
C PRO B 75 7.98 -4.60 -11.75
N THR B 76 9.26 -4.90 -11.55
CA THR B 76 10.14 -5.38 -12.61
C THR B 76 10.34 -6.88 -12.47
N ALA B 77 10.93 -7.49 -13.49
CA ALA B 77 11.19 -8.92 -13.48
C ALA B 77 12.17 -9.30 -12.37
N ASP B 78 13.17 -8.46 -12.16
CA ASP B 78 14.16 -8.69 -11.12
C ASP B 78 13.52 -8.72 -9.73
N GLU B 79 12.63 -7.77 -9.48
CA GLU B 79 11.96 -7.67 -8.18
C GLU B 79 11.11 -8.90 -7.89
N VAL B 80 10.30 -9.31 -8.85
CA VAL B 80 9.44 -10.48 -8.68
C VAL B 80 10.28 -11.74 -8.58
N GLY B 81 11.39 -11.78 -9.30
CA GLY B 81 12.29 -12.92 -9.26
C GLY B 81 12.88 -13.12 -7.88
N GLU B 82 13.21 -12.03 -7.21
CA GLU B 82 13.77 -12.09 -5.86
C GLU B 82 12.77 -12.66 -4.86
N LEU B 83 11.52 -12.24 -5.00
CA LEU B 83 10.45 -12.68 -4.10
C LEU B 83 10.27 -14.20 -4.17
N ALA B 84 10.24 -14.74 -5.39
CA ALA B 84 10.04 -16.16 -5.60
C ALA B 84 11.25 -16.97 -5.12
N GLY B 85 12.43 -16.37 -5.22
CA GLY B 85 13.66 -17.03 -4.80
C GLY B 85 13.69 -17.27 -3.31
N VAL B 86 13.17 -16.32 -2.54
CA VAL B 86 13.15 -16.42 -1.10
C VAL B 86 12.16 -17.49 -0.64
N MET B 87 11.02 -17.56 -1.31
CA MET B 87 10.00 -18.56 -0.98
C MET B 87 10.53 -19.98 -1.18
N LEU B 88 11.26 -20.18 -2.28
CA LEU B 88 11.78 -21.50 -2.62
C LEU B 88 12.90 -21.92 -1.68
N SER B 89 13.61 -20.95 -1.12
CA SER B 89 14.71 -21.25 -0.21
C SER B 89 14.19 -21.66 1.16
N HIS B 90 12.93 -21.37 1.43
CA HIS B 90 12.28 -21.76 2.68
C HIS B 90 11.34 -22.96 2.49
N ALA B 91 11.16 -23.36 1.23
CA ALA B 91 10.21 -24.42 0.90
C ALA B 91 10.80 -25.81 1.14
N HIS B 92 9.93 -26.77 1.44
CA HIS B 92 10.35 -28.16 1.56
C HIS B 92 10.68 -28.71 0.17
N PRO B 93 11.93 -29.17 -0.04
CA PRO B 93 12.29 -29.72 -1.35
C PRO B 93 11.95 -31.21 -1.45
N LEU B 94 11.88 -31.74 -2.66
CA LEU B 94 11.74 -33.17 -2.86
C LEU B 94 13.11 -33.83 -2.69
N PRO B 95 13.13 -35.13 -2.35
CA PRO B 95 14.40 -35.86 -2.21
C PRO B 95 15.27 -35.74 -3.46
N ALA B 96 16.57 -35.88 -3.28
CA ALA B 96 17.53 -35.70 -4.37
C ALA B 96 17.29 -36.69 -5.50
N ASP B 97 17.34 -36.19 -6.73
CA ASP B 97 17.23 -37.01 -7.93
C ASP B 97 15.96 -37.85 -7.96
N THR B 98 14.82 -37.20 -7.72
CA THR B 98 13.51 -37.84 -7.81
C THR B 98 12.63 -37.13 -8.82
N VAL B 99 13.07 -35.95 -9.26
CA VAL B 99 12.35 -35.16 -10.26
C VAL B 99 13.07 -35.21 -11.60
N PRO B 100 12.40 -35.72 -12.66
CA PRO B 100 13.04 -35.74 -13.98
C PRO B 100 13.49 -34.36 -14.46
N ASP B 101 14.49 -34.35 -15.34
CA ASP B 101 15.06 -33.10 -15.84
C ASP B 101 14.08 -32.34 -16.74
N ASP B 102 13.13 -33.07 -17.33
CA ASP B 102 12.20 -32.48 -18.29
C ASP B 102 10.76 -32.44 -17.77
N ALA B 103 10.61 -32.33 -16.44
CA ALA B 103 9.29 -32.21 -15.85
C ALA B 103 8.67 -30.87 -16.22
N VAL B 104 7.34 -30.82 -16.32
CA VAL B 104 6.63 -29.60 -16.70
C VAL B 104 5.57 -29.22 -15.68
N ASP B 105 5.28 -27.92 -15.60
CA ASP B 105 4.20 -27.41 -14.76
C ASP B 105 3.07 -26.89 -15.64
N VAL B 106 1.85 -26.96 -15.13
CA VAL B 106 0.68 -26.40 -15.81
C VAL B 106 -0.18 -25.69 -14.79
N VAL B 107 -0.12 -24.36 -14.79
CA VAL B 107 -0.75 -23.56 -13.74
C VAL B 107 -0.87 -22.09 -14.16
N GLY B 108 -1.86 -21.40 -13.62
CA GLY B 108 -2.07 -20.00 -13.91
C GLY B 108 -2.14 -19.14 -12.66
N THR B 109 -2.06 -17.83 -12.85
CA THR B 109 -2.18 -16.88 -11.74
C THR B 109 -3.59 -16.87 -11.19
N GLY B 110 -4.56 -17.06 -12.07
CA GLY B 110 -5.96 -16.97 -11.71
C GLY B 110 -6.39 -15.52 -11.59
N GLY B 111 -7.53 -15.29 -10.95
CA GLY B 111 -8.04 -13.95 -10.75
C GLY B 111 -8.50 -13.30 -12.04
N ASP B 112 -8.98 -14.12 -12.97
CA ASP B 112 -9.53 -13.61 -14.22
C ASP B 112 -10.96 -13.12 -14.01
N GLY B 113 -11.62 -13.67 -13.00
CA GLY B 113 -12.99 -13.28 -12.67
C GLY B 113 -14.03 -14.11 -13.39
N VAL B 114 -13.60 -14.75 -14.49
CA VAL B 114 -14.51 -15.57 -15.29
C VAL B 114 -14.53 -17.01 -14.78
N THR B 116 -14.81 -20.35 -14.61
CA THR B 116 -14.76 -21.33 -15.68
C THR B 116 -14.34 -22.70 -15.16
N VAL B 117 -14.31 -23.68 -16.06
CA VAL B 117 -13.86 -25.02 -15.71
C VAL B 117 -12.35 -24.99 -15.47
N ASN B 118 -11.82 -26.03 -14.82
CA ASN B 118 -10.40 -26.10 -14.52
C ASN B 118 -9.56 -26.60 -15.70
N LEU B 119 -9.24 -25.69 -16.61
CA LEU B 119 -8.49 -26.05 -17.82
C LEU B 119 -7.09 -26.57 -17.50
N SER B 120 -6.41 -25.91 -16.56
CA SER B 120 -5.04 -26.27 -16.23
C SER B 120 -4.92 -27.66 -15.62
N THR B 121 -5.84 -27.98 -14.72
CA THR B 121 -5.83 -29.29 -14.07
C THR B 121 -6.14 -30.40 -15.07
N MET B 122 -7.14 -30.19 -15.90
CA MET B 122 -7.50 -31.16 -16.94
C MET B 122 -6.33 -31.33 -17.91
N ALA B 123 -5.73 -30.23 -18.31
CA ALA B 123 -4.58 -30.26 -19.22
C ALA B 123 -3.43 -31.05 -18.61
N ALA B 124 -3.24 -30.90 -17.31
CA ALA B 124 -2.15 -31.57 -16.59
C ALA B 124 -2.28 -33.09 -16.67
N ILE B 125 -3.50 -33.59 -16.52
CA ILE B 125 -3.75 -35.03 -16.56
C ILE B 125 -3.44 -35.58 -17.94
N VAL B 126 -3.91 -34.88 -18.97
CA VAL B 126 -3.70 -35.29 -20.36
C VAL B 126 -2.21 -35.33 -20.70
N VAL B 127 -1.50 -34.28 -20.34
CA VAL B 127 -0.07 -34.18 -20.62
C VAL B 127 0.72 -35.29 -19.92
N ALA B 128 0.36 -35.56 -18.67
CA ALA B 128 1.01 -36.64 -17.91
C ALA B 128 0.76 -38.00 -18.56
N ALA B 129 -0.48 -38.21 -19.02
CA ALA B 129 -0.85 -39.46 -19.68
C ALA B 129 -0.14 -39.61 -21.02
N ALA B 130 0.31 -38.50 -21.58
CA ALA B 130 0.99 -38.52 -22.87
C ALA B 130 2.47 -38.85 -22.73
N GLY B 131 2.94 -38.98 -21.50
CA GLY B 131 4.31 -39.40 -21.23
C GLY B 131 5.23 -38.29 -20.77
N VAL B 132 4.70 -37.08 -20.62
CA VAL B 132 5.48 -35.95 -20.14
C VAL B 132 5.35 -35.84 -18.61
N PRO B 133 6.48 -35.91 -17.88
CA PRO B 133 6.36 -35.83 -16.42
C PRO B 133 5.78 -34.49 -15.96
N VAL B 134 4.72 -34.54 -15.17
CA VAL B 134 4.08 -33.33 -14.65
C VAL B 134 4.15 -33.28 -13.13
N VAL B 135 4.52 -32.12 -12.61
CA VAL B 135 4.46 -31.87 -11.16
C VAL B 135 3.75 -30.54 -10.94
N LYS B 136 2.48 -30.62 -10.57
CA LYS B 136 1.67 -29.42 -10.37
C LYS B 136 1.89 -28.81 -9.00
N HIS B 137 1.92 -27.47 -8.97
CA HIS B 137 1.96 -26.71 -7.73
C HIS B 137 0.72 -25.82 -7.67
N GLY B 138 -0.35 -26.37 -7.12
CA GLY B 138 -1.63 -25.69 -7.09
C GLY B 138 -2.07 -25.29 -5.69
N ASN B 139 -3.29 -24.77 -5.60
CA ASN B 139 -3.86 -24.33 -4.35
C ASN B 139 -5.38 -24.32 -4.42
N ARG B 140 -6.04 -24.07 -3.30
CA ARG B 140 -7.50 -23.97 -3.29
C ARG B 140 -7.94 -22.69 -3.98
N ALA B 141 -9.25 -22.54 -4.16
CA ALA B 141 -9.81 -21.36 -4.81
C ALA B 141 -9.69 -20.14 -3.93
N ALA B 142 -9.64 -18.96 -4.55
CA ALA B 142 -9.54 -17.69 -3.84
C ALA B 142 -10.68 -16.76 -4.24
N SER B 143 -10.97 -16.73 -5.54
CA SER B 143 -12.04 -15.90 -6.08
C SER B 143 -13.06 -16.73 -6.86
N SER B 144 -12.61 -17.83 -7.44
CA SER B 144 -13.48 -18.70 -8.22
C SER B 144 -14.34 -19.58 -7.31
N LEU B 145 -15.40 -20.14 -7.89
CA LEU B 145 -16.28 -21.03 -7.13
C LEU B 145 -15.55 -22.33 -6.78
N SER B 146 -14.59 -22.70 -7.61
CA SER B 146 -13.78 -23.89 -7.37
C SER B 146 -12.40 -23.72 -8.00
N GLY B 147 -11.41 -24.39 -7.42
CA GLY B 147 -10.04 -24.31 -7.88
C GLY B 147 -9.49 -25.67 -8.27
N GLY B 148 -8.21 -25.70 -8.64
CA GLY B 148 -7.57 -26.93 -9.07
C GLY B 148 -7.49 -27.98 -7.97
N ALA B 149 -6.90 -27.60 -6.85
CA ALA B 149 -6.75 -28.52 -5.72
C ALA B 149 -8.11 -28.98 -5.20
N ASP B 150 -9.08 -28.08 -5.23
CA ASP B 150 -10.43 -28.38 -4.75
C ASP B 150 -11.07 -29.49 -5.59
N THR B 151 -10.90 -29.40 -6.90
CA THR B 151 -11.47 -30.38 -7.81
C THR B 151 -10.78 -31.74 -7.68
N LEU B 152 -9.46 -31.72 -7.50
CA LEU B 152 -8.70 -32.94 -7.34
C LEU B 152 -9.10 -33.70 -6.08
N GLU B 153 -9.40 -32.95 -5.01
CA GLU B 153 -9.86 -33.56 -3.77
C GLU B 153 -11.22 -34.21 -3.98
N ALA B 154 -12.04 -33.58 -4.82
CA ALA B 154 -13.38 -34.08 -5.12
C ALA B 154 -13.32 -35.33 -6.00
N LEU B 155 -12.16 -35.58 -6.59
CA LEU B 155 -11.95 -36.75 -7.44
C LEU B 155 -11.34 -37.90 -6.65
N GLY B 156 -11.04 -37.65 -5.38
CA GLY B 156 -10.49 -38.67 -4.50
C GLY B 156 -8.98 -38.70 -4.47
N VAL B 157 -8.36 -37.67 -5.04
CA VAL B 157 -6.90 -37.55 -5.06
C VAL B 157 -6.40 -36.95 -3.77
N ARG B 158 -5.38 -37.58 -3.18
CA ARG B 158 -4.74 -37.05 -1.98
C ARG B 158 -3.75 -35.96 -2.36
N ILE B 159 -4.07 -34.72 -2.00
CA ILE B 159 -3.26 -33.57 -2.38
C ILE B 159 -2.24 -33.20 -1.31
N ASP B 160 -2.54 -33.51 -0.05
CA ASP B 160 -1.69 -33.12 1.07
C ASP B 160 -0.68 -34.21 1.42
N LEU B 161 0.22 -34.51 0.50
CA LEU B 161 1.27 -35.49 0.71
C LEU B 161 2.62 -34.81 0.93
N GLY B 162 3.52 -35.50 1.64
CA GLY B 162 4.85 -34.97 1.90
C GLY B 162 5.77 -35.17 0.72
N PRO B 163 6.96 -34.55 0.76
CA PRO B 163 7.95 -34.63 -0.33
C PRO B 163 8.25 -36.06 -0.77
N ASP B 164 8.42 -36.96 0.18
CA ASP B 164 8.75 -38.35 -0.11
C ASP B 164 7.67 -39.03 -0.94
N LEU B 165 6.41 -38.80 -0.57
CA LEU B 165 5.29 -39.44 -1.23
C LEU B 165 4.99 -38.81 -2.59
N VAL B 166 5.17 -37.49 -2.68
CA VAL B 166 4.99 -36.80 -3.95
C VAL B 166 5.99 -37.33 -4.97
N ALA B 167 7.19 -37.64 -4.50
CA ALA B 167 8.24 -38.20 -5.35
C ALA B 167 7.87 -39.61 -5.80
N ARG B 168 7.28 -40.39 -4.89
CA ARG B 168 6.81 -41.72 -5.23
C ARG B 168 5.69 -41.66 -6.25
N SER B 169 4.76 -40.73 -6.04
CA SER B 169 3.63 -40.54 -6.93
C SER B 169 4.09 -40.24 -8.35
N LEU B 170 5.05 -39.33 -8.45
CA LEU B 170 5.58 -38.91 -9.74
C LEU B 170 6.20 -40.08 -10.49
N ALA B 171 6.83 -40.98 -9.76
CA ALA B 171 7.48 -42.13 -10.37
C ALA B 171 6.49 -43.24 -10.69
N GLU B 172 5.61 -43.54 -9.76
CA GLU B 172 4.69 -44.68 -9.89
C GLU B 172 3.47 -44.35 -10.75
N VAL B 173 3.03 -43.09 -10.72
CA VAL B 173 1.82 -42.68 -11.43
C VAL B 173 2.14 -41.85 -12.67
N GLY B 174 3.19 -41.04 -12.58
CA GLY B 174 3.59 -40.17 -13.68
C GLY B 174 3.24 -38.71 -13.42
N ILE B 175 2.59 -38.46 -12.28
CA ILE B 175 2.21 -37.10 -11.91
C ILE B 175 2.27 -36.93 -10.39
N GLY B 176 2.58 -35.71 -9.97
CA GLY B 176 2.62 -35.38 -8.55
C GLY B 176 2.03 -34.00 -8.31
N PHE B 177 1.41 -33.82 -7.15
CA PHE B 177 0.81 -32.53 -6.80
C PHE B 177 1.39 -31.98 -5.51
N CYS B 178 1.99 -30.80 -5.61
CA CYS B 178 2.55 -30.11 -4.45
C CYS B 178 1.57 -29.09 -3.89
N PHE B 179 0.96 -29.45 -2.77
CA PHE B 179 0.05 -28.54 -2.08
C PHE B 179 0.84 -27.41 -1.46
N ALA B 180 0.58 -26.18 -1.90
CA ALA B 180 1.39 -25.04 -1.51
C ALA B 180 1.45 -24.80 0.00
N PRO B 181 0.30 -24.88 0.69
CA PRO B 181 0.33 -24.67 2.14
C PRO B 181 1.21 -25.68 2.89
N ARG B 182 1.42 -26.86 2.30
CA ARG B 182 2.19 -27.91 2.97
C ARG B 182 3.67 -27.80 2.64
N PHE B 183 3.98 -27.33 1.44
CA PHE B 183 5.37 -27.15 1.01
C PHE B 183 5.89 -25.74 1.30
N HIS B 184 4.96 -24.79 1.43
CA HIS B 184 5.29 -23.42 1.81
C HIS B 184 4.59 -23.03 3.10
N PRO B 185 4.89 -23.73 4.20
CA PRO B 185 4.18 -23.47 5.47
C PRO B 185 4.48 -22.11 6.06
N SER B 186 5.63 -21.53 5.72
CA SER B 186 6.04 -20.24 6.26
C SER B 186 5.33 -19.07 5.57
N TYR B 187 4.60 -19.38 4.50
CA TYR B 187 3.94 -18.36 3.68
C TYR B 187 2.56 -18.00 4.24
N ARG B 188 2.14 -18.70 5.28
CA ARG B 188 0.77 -18.58 5.79
C ARG B 188 0.43 -17.16 6.24
N HIS B 189 1.44 -16.42 6.71
CA HIS B 189 1.21 -15.05 7.17
C HIS B 189 0.86 -14.15 5.98
N ALA B 190 1.56 -14.35 4.87
CA ALA B 190 1.31 -13.57 3.67
C ALA B 190 -0.03 -13.96 3.03
N ALA B 191 -0.37 -15.24 3.13
CA ALA B 191 -1.62 -15.74 2.57
C ALA B 191 -2.82 -15.16 3.32
N ALA B 192 -2.66 -14.93 4.62
CA ALA B 192 -3.72 -14.39 5.45
C ALA B 192 -4.01 -12.93 5.06
N VAL B 193 -2.95 -12.17 4.84
CA VAL B 193 -3.07 -10.76 4.49
C VAL B 193 -3.73 -10.60 3.12
N ARG B 194 -3.43 -11.51 2.20
CA ARG B 194 -4.01 -11.48 0.87
C ARG B 194 -5.54 -11.60 0.92
N ARG B 195 -6.03 -12.48 1.79
CA ARG B 195 -7.46 -12.71 1.93
C ARG B 195 -8.16 -11.53 2.61
N GLU B 196 -7.40 -10.75 3.38
CA GLU B 196 -7.96 -9.63 4.11
C GLU B 196 -8.10 -8.38 3.23
N ILE B 197 -7.08 -8.09 2.43
CA ILE B 197 -7.13 -6.93 1.54
C ILE B 197 -8.01 -7.23 0.33
N GLY B 198 -7.98 -8.49 -0.13
CA GLY B 198 -8.89 -8.96 -1.15
C GLY B 198 -8.58 -8.53 -2.58
N VAL B 199 -7.67 -7.57 -2.74
CA VAL B 199 -7.33 -7.06 -4.07
C VAL B 199 -6.14 -7.79 -4.67
N PRO B 200 -6.10 -7.90 -6.02
CA PRO B 200 -4.93 -8.53 -6.66
C PRO B 200 -3.65 -7.73 -6.43
N THR B 201 -2.56 -8.43 -6.18
CA THR B 201 -1.26 -7.79 -5.96
C THR B 201 -0.16 -8.61 -6.65
N VAL B 202 1.09 -8.19 -6.44
CA VAL B 202 2.23 -8.90 -7.00
C VAL B 202 2.29 -10.33 -6.48
N PHE B 203 1.78 -10.53 -5.26
CA PHE B 203 1.76 -11.86 -4.65
C PHE B 203 0.94 -12.85 -5.48
N ASN B 204 0.01 -12.35 -6.27
CA ASN B 204 -0.82 -13.20 -7.12
C ASN B 204 -0.03 -13.79 -8.28
N LEU B 205 1.20 -13.32 -8.47
CA LEU B 205 2.06 -13.79 -9.55
C LEU B 205 3.01 -14.89 -9.07
N LEU B 206 3.19 -14.98 -7.75
CA LEU B 206 4.21 -15.84 -7.17
C LEU B 206 3.86 -17.33 -7.24
N GLY B 207 2.57 -17.63 -7.45
CA GLY B 207 2.12 -19.01 -7.47
C GLY B 207 2.85 -19.86 -8.49
N PRO B 208 2.69 -19.54 -9.77
CA PRO B 208 3.36 -20.25 -10.86
C PRO B 208 4.88 -20.18 -10.78
N LEU B 209 5.42 -19.25 -10.01
CA LEU B 209 6.85 -18.98 -9.97
C LEU B 209 7.57 -19.70 -8.82
N THR B 210 6.82 -20.40 -7.96
CA THR B 210 7.40 -21.01 -6.78
C THR B 210 7.03 -22.49 -6.62
N ASN B 211 7.02 -23.21 -7.73
CA ASN B 211 6.86 -24.66 -7.67
C ASN B 211 8.07 -25.27 -6.95
N PRO B 212 7.82 -25.97 -5.82
CA PRO B 212 8.97 -26.48 -5.05
C PRO B 212 9.75 -27.59 -5.75
N ALA B 213 9.16 -28.23 -6.75
CA ALA B 213 9.85 -29.25 -7.51
C ALA B 213 10.80 -28.62 -8.53
N ARG B 214 10.54 -27.35 -8.84
CA ARG B 214 11.41 -26.57 -9.72
C ARG B 214 11.52 -27.16 -11.13
N PRO B 215 10.38 -27.37 -11.81
CA PRO B 215 10.44 -27.82 -13.21
C PRO B 215 11.02 -26.73 -14.11
N ARG B 216 11.67 -27.15 -15.20
CA ARG B 216 12.35 -26.21 -16.09
C ARG B 216 11.48 -25.82 -17.28
N ALA B 217 10.24 -26.28 -17.30
CA ALA B 217 9.32 -25.97 -18.39
C ALA B 217 7.88 -25.92 -17.90
N GLY B 218 7.00 -25.31 -18.68
CA GLY B 218 5.59 -25.26 -18.32
C GLY B 218 4.75 -24.31 -19.13
N LEU B 219 3.43 -24.49 -19.04
CA LEU B 219 2.46 -23.58 -19.63
C LEU B 219 1.92 -22.70 -18.51
N ILE B 220 2.21 -21.40 -18.59
CA ILE B 220 1.89 -20.48 -17.50
C ILE B 220 0.91 -19.40 -17.94
N GLY B 221 -0.28 -19.42 -17.35
CA GLY B 221 -1.31 -18.46 -17.66
C GLY B 221 -1.24 -17.23 -16.78
N CYS B 222 -1.58 -16.08 -17.34
CA CYS B 222 -1.56 -14.81 -16.60
C CYS B 222 -2.79 -13.97 -16.94
N ALA B 223 -3.58 -13.67 -15.91
CA ALA B 223 -4.82 -12.92 -16.09
C ALA B 223 -4.55 -11.43 -16.28
N PHE B 224 -3.39 -10.98 -15.82
CA PHE B 224 -3.05 -9.56 -15.84
C PHE B 224 -2.16 -9.26 -17.05
N ALA B 225 -2.76 -8.67 -18.08
CA ALA B 225 -2.09 -8.45 -19.37
C ALA B 225 -0.85 -7.58 -19.22
N ASP B 226 -0.90 -6.61 -18.31
CA ASP B 226 0.19 -5.67 -18.14
C ASP B 226 1.26 -6.19 -17.18
N LEU B 227 1.26 -7.51 -16.96
CA LEU B 227 2.23 -8.13 -16.05
C LEU B 227 2.72 -9.49 -16.56
N ALA B 228 2.19 -9.92 -17.70
CA ALA B 228 2.58 -11.20 -18.27
C ALA B 228 4.03 -11.15 -18.76
N GLU B 229 4.40 -10.04 -19.38
CA GLU B 229 5.76 -9.85 -19.87
C GLU B 229 6.77 -9.88 -18.72
N VAL B 230 6.32 -9.48 -17.53
CA VAL B 230 7.18 -9.51 -16.35
C VAL B 230 7.46 -10.94 -15.92
N MET B 231 6.42 -11.76 -15.83
CA MET B 231 6.58 -13.17 -15.47
C MET B 231 7.48 -13.87 -16.46
N ALA B 232 7.28 -13.58 -17.75
CA ALA B 232 8.11 -14.14 -18.81
C ALA B 232 9.58 -13.82 -18.57
N GLY B 233 9.84 -12.63 -18.02
CA GLY B 233 11.19 -12.22 -17.71
C GLY B 233 11.80 -13.04 -16.58
N VAL B 234 10.96 -13.43 -15.61
CA VAL B 234 11.43 -14.21 -14.47
C VAL B 234 11.81 -15.62 -14.89
N PHE B 235 11.02 -16.20 -15.79
CA PHE B 235 11.30 -17.53 -16.31
C PHE B 235 12.51 -17.50 -17.24
N ALA B 236 12.71 -16.38 -17.92
CA ALA B 236 13.84 -16.22 -18.84
C ALA B 236 15.16 -16.23 -18.08
N ALA B 237 15.14 -15.66 -16.88
CA ALA B 237 16.34 -15.61 -16.05
C ALA B 237 16.75 -17.02 -15.59
N ARG B 238 15.76 -17.85 -15.32
CA ARG B 238 16.02 -19.24 -14.92
C ARG B 238 16.39 -20.10 -16.12
N ARG B 239 16.36 -19.50 -17.31
CA ARG B 239 16.66 -20.23 -18.55
C ARG B 239 15.66 -21.37 -18.76
N SER B 240 14.42 -21.12 -18.40
CA SER B 240 13.36 -22.12 -18.56
C SER B 240 12.71 -22.02 -19.93
N SER B 241 12.06 -23.10 -20.35
CA SER B 241 11.31 -23.13 -21.61
C SER B 241 9.83 -23.02 -21.31
N VAL B 242 9.30 -21.80 -21.41
CA VAL B 242 7.94 -21.51 -20.96
C VAL B 242 7.18 -20.67 -21.97
N LEU B 243 5.88 -20.93 -22.07
CA LEU B 243 4.98 -20.09 -22.84
C LEU B 243 4.04 -19.36 -21.88
N VAL B 244 4.26 -18.06 -21.71
CA VAL B 244 3.39 -17.24 -20.89
C VAL B 244 2.20 -16.77 -21.73
N VAL B 245 1.01 -17.23 -21.38
CA VAL B 245 -0.17 -17.05 -22.23
C VAL B 245 -1.24 -16.15 -21.60
N HIS B 246 -1.91 -15.39 -22.46
CA HIS B 246 -2.99 -14.52 -22.05
C HIS B 246 -4.04 -14.41 -23.15
N GLY B 247 -5.27 -14.82 -22.85
CA GLY B 247 -6.36 -14.74 -23.80
C GLY B 247 -6.82 -13.31 -23.99
N ASP B 248 -7.03 -12.91 -25.24
CA ASP B 248 -7.49 -11.56 -25.56
C ASP B 248 -8.84 -11.27 -24.92
N ASP B 249 -9.58 -12.31 -24.58
CA ASP B 249 -10.87 -12.18 -23.91
C ASP B 249 -10.68 -12.03 -22.39
N GLY B 250 -9.44 -12.23 -21.92
CA GLY B 250 -9.11 -11.99 -20.53
C GLY B 250 -8.74 -13.24 -19.74
N LEU B 251 -8.96 -14.41 -20.32
CA LEU B 251 -8.69 -15.68 -19.63
C LEU B 251 -7.20 -15.89 -19.39
N ASP B 252 -6.87 -16.54 -18.27
CA ASP B 252 -5.50 -16.92 -17.96
C ASP B 252 -5.18 -18.29 -18.55
N GLU B 253 -5.69 -18.54 -19.75
CA GLU B 253 -5.46 -19.81 -20.45
C GLU B 253 -5.36 -19.52 -21.94
N LEU B 254 -5.00 -20.53 -22.72
CA LEU B 254 -5.08 -20.43 -24.18
C LEU B 254 -6.53 -20.59 -24.60
N THR B 255 -7.14 -19.49 -25.04
CA THR B 255 -8.57 -19.47 -25.31
C THR B 255 -8.89 -19.86 -26.76
N THR B 256 -10.15 -20.22 -27.00
CA THR B 256 -10.63 -20.55 -28.33
C THR B 256 -11.75 -19.61 -28.77
N THR B 257 -12.05 -18.61 -27.94
CA THR B 257 -13.10 -17.66 -28.25
C THR B 257 -12.57 -16.49 -29.09
N THR B 258 -11.26 -16.39 -29.20
CA THR B 258 -10.62 -15.33 -29.98
C THR B 258 -9.12 -15.58 -30.04
N THR B 259 -8.37 -14.56 -30.44
CA THR B 259 -6.91 -14.66 -30.49
C THR B 259 -6.31 -14.61 -29.10
N SER B 260 -5.03 -14.96 -29.00
CA SER B 260 -4.31 -14.93 -27.73
C SER B 260 -2.93 -14.34 -27.90
N THR B 261 -2.40 -13.77 -26.82
CA THR B 261 -1.04 -13.26 -26.79
C THR B 261 -0.14 -14.29 -26.11
N ILE B 262 1.04 -14.50 -26.68
CA ILE B 262 2.00 -15.45 -26.11
C ILE B 262 3.40 -14.86 -26.04
N TRP B 263 3.97 -14.87 -24.84
CA TRP B 263 5.36 -14.51 -24.64
C TRP B 263 6.21 -15.78 -24.57
N ARG B 264 6.73 -16.20 -25.72
CA ARG B 264 7.52 -17.42 -25.78
C ARG B 264 8.90 -17.21 -25.16
N VAL B 265 9.22 -18.02 -24.16
CA VAL B 265 10.50 -17.96 -23.48
C VAL B 265 11.36 -19.16 -23.86
N ALA B 266 12.54 -18.88 -24.41
CA ALA B 266 13.46 -19.93 -24.84
C ALA B 266 14.85 -19.36 -25.01
N ALA B 267 15.86 -20.10 -24.57
CA ALA B 267 17.25 -19.66 -24.63
C ALA B 267 17.43 -18.33 -23.89
N GLY B 268 16.63 -18.14 -22.84
CA GLY B 268 16.69 -16.93 -22.04
C GLY B 268 16.28 -15.69 -22.83
N SER B 269 15.44 -15.89 -23.83
CA SER B 269 14.99 -14.80 -24.69
C SER B 269 13.47 -14.80 -24.83
N VAL B 270 12.88 -13.63 -24.61
CA VAL B 270 11.43 -13.47 -24.72
C VAL B 270 11.06 -12.82 -26.06
N ASP B 271 10.05 -13.36 -26.72
CA ASP B 271 9.50 -12.76 -27.93
C ASP B 271 7.97 -12.78 -27.88
N LYS B 272 7.37 -11.62 -28.14
CA LYS B 272 5.93 -11.46 -28.08
C LYS B 272 5.30 -11.80 -29.42
N LEU B 273 4.24 -12.62 -29.38
CA LEU B 273 3.57 -13.06 -30.60
C LEU B 273 2.07 -13.20 -30.36
N THR B 274 1.29 -12.96 -31.42
CA THR B 274 -0.15 -13.16 -31.37
C THR B 274 -0.48 -14.55 -31.91
N PHE B 275 -1.49 -15.18 -31.33
CA PHE B 275 -1.80 -16.58 -31.62
C PHE B 275 -3.29 -16.75 -31.97
N ASP B 276 -3.58 -17.60 -32.94
CA ASP B 276 -4.95 -17.90 -33.34
C ASP B 276 -5.10 -19.38 -33.67
N PRO B 277 -5.89 -20.11 -32.87
CA PRO B 277 -6.02 -21.55 -33.11
C PRO B 277 -6.87 -21.89 -34.34
N ALA B 278 -7.46 -20.88 -34.97
CA ALA B 278 -8.29 -21.09 -36.15
C ALA B 278 -7.44 -21.59 -37.32
N GLY B 279 -6.14 -21.31 -37.27
CA GLY B 279 -5.23 -21.80 -38.28
C GLY B 279 -5.06 -23.31 -38.22
N PHE B 280 -5.20 -23.86 -37.02
CA PHE B 280 -5.06 -25.30 -36.82
C PHE B 280 -6.37 -26.03 -37.13
N GLY B 281 -7.49 -25.31 -37.00
CA GLY B 281 -8.79 -25.86 -37.35
C GLY B 281 -9.82 -25.75 -36.24
N PHE B 282 -9.46 -25.04 -35.16
CA PHE B 282 -10.38 -24.85 -34.06
C PHE B 282 -11.46 -23.83 -34.41
N ALA B 283 -12.71 -24.17 -34.15
CA ALA B 283 -13.82 -23.26 -34.36
C ALA B 283 -13.89 -22.27 -33.20
N ARG B 284 -14.51 -21.12 -33.46
CA ARG B 284 -14.70 -20.11 -32.43
C ARG B 284 -15.78 -20.55 -31.44
N ALA B 285 -15.58 -20.25 -30.16
CA ALA B 285 -16.54 -20.60 -29.13
C ALA B 285 -16.93 -19.36 -28.33
N GLN B 286 -18.10 -19.42 -27.71
CA GLN B 286 -18.54 -18.35 -26.82
C GLN B 286 -17.95 -18.58 -25.43
N LEU B 287 -17.76 -17.50 -24.69
CA LEU B 287 -17.12 -17.59 -23.39
C LEU B 287 -17.99 -18.31 -22.35
N ASP B 288 -19.30 -18.34 -22.60
CA ASP B 288 -20.22 -18.98 -21.67
C ASP B 288 -20.20 -20.50 -21.82
N GLN B 289 -19.63 -20.98 -22.93
CA GLN B 289 -19.55 -22.41 -23.19
C GLN B 289 -18.45 -23.08 -22.36
N LEU B 290 -17.62 -22.28 -21.72
CA LEU B 290 -16.53 -22.78 -20.89
C LEU B 290 -16.82 -22.54 -19.41
N ALA B 291 -18.09 -22.36 -19.07
CA ALA B 291 -18.50 -22.03 -17.70
C ALA B 291 -18.35 -23.23 -16.77
N GLY B 292 -18.14 -22.95 -15.49
CA GLY B 292 -18.00 -23.98 -14.48
C GLY B 292 -18.74 -23.62 -13.20
N GLY B 293 -18.49 -24.40 -12.14
CA GLY B 293 -19.16 -24.19 -10.87
C GLY B 293 -18.33 -24.64 -9.69
N ASP B 294 -18.96 -25.34 -8.75
CA ASP B 294 -18.28 -25.79 -7.54
C ASP B 294 -17.41 -27.01 -7.82
N ALA B 295 -16.74 -27.52 -6.79
CA ALA B 295 -15.84 -28.64 -6.93
C ALA B 295 -16.56 -29.88 -7.45
N GLN B 296 -17.82 -30.03 -7.09
CA GLN B 296 -18.61 -31.18 -7.52
C GLN B 296 -18.93 -31.10 -9.01
N ALA B 297 -19.25 -29.90 -9.48
CA ALA B 297 -19.61 -29.69 -10.88
C ALA B 297 -18.38 -29.74 -11.78
N ASN B 298 -17.28 -29.15 -11.32
CA ASN B 298 -16.04 -29.15 -12.08
C ASN B 298 -15.42 -30.54 -12.15
N ALA B 299 -15.56 -31.30 -11.07
CA ALA B 299 -15.07 -32.68 -11.05
C ALA B 299 -15.82 -33.52 -12.08
N ALA B 300 -17.11 -33.23 -12.26
CA ALA B 300 -17.92 -33.93 -13.25
C ALA B 300 -17.49 -33.54 -14.67
N ALA B 301 -17.06 -32.30 -14.84
CA ALA B 301 -16.60 -31.83 -16.14
C ALA B 301 -15.31 -32.54 -16.53
N VAL B 302 -14.51 -32.91 -15.53
CA VAL B 302 -13.27 -33.64 -15.77
C VAL B 302 -13.55 -35.05 -16.27
N ARG B 303 -14.48 -35.74 -15.60
CA ARG B 303 -14.85 -37.09 -15.99
C ARG B 303 -15.46 -37.11 -17.38
N ALA B 304 -16.17 -36.04 -17.73
CA ALA B 304 -16.81 -35.94 -19.03
C ALA B 304 -15.79 -35.84 -20.16
N VAL B 305 -14.86 -34.91 -20.02
CA VAL B 305 -13.82 -34.71 -21.04
C VAL B 305 -12.92 -35.93 -21.15
N LEU B 306 -12.48 -36.45 -20.01
CA LEU B 306 -11.63 -37.62 -19.98
C LEU B 306 -12.40 -38.87 -20.41
N GLY B 307 -13.73 -38.76 -20.40
CA GLY B 307 -14.59 -39.84 -20.83
C GLY B 307 -14.71 -39.91 -22.35
N GLY B 308 -14.19 -38.89 -23.02
CA GLY B 308 -14.15 -38.86 -24.47
C GLY B 308 -15.19 -37.94 -25.11
N ALA B 309 -15.81 -37.10 -24.29
CA ALA B 309 -16.84 -36.19 -24.77
C ALA B 309 -16.25 -35.06 -25.62
N ARG B 310 -16.89 -34.78 -26.74
CA ARG B 310 -16.46 -33.70 -27.63
C ARG B 310 -17.20 -32.41 -27.30
N GLY B 311 -16.63 -31.29 -27.70
CA GLY B 311 -17.22 -29.98 -27.45
C GLY B 311 -16.19 -28.91 -27.24
N PRO B 312 -16.64 -27.67 -26.98
CA PRO B 312 -15.73 -26.54 -26.76
C PRO B 312 -14.79 -26.73 -25.58
N VAL B 313 -15.25 -27.43 -24.54
CA VAL B 313 -14.44 -27.67 -23.36
C VAL B 313 -13.23 -28.54 -23.71
N ARG B 314 -13.48 -29.59 -24.50
CA ARG B 314 -12.41 -30.47 -24.96
C ARG B 314 -11.38 -29.71 -25.76
N ASP B 315 -11.84 -28.89 -26.69
CA ASP B 315 -10.95 -28.11 -27.56
C ASP B 315 -10.03 -27.22 -26.73
N ALA B 316 -10.56 -26.70 -25.63
CA ALA B 316 -9.78 -25.84 -24.74
C ALA B 316 -8.69 -26.64 -24.03
N VAL B 317 -9.05 -27.85 -23.58
CA VAL B 317 -8.11 -28.72 -22.88
C VAL B 317 -6.99 -29.19 -23.80
N VAL B 318 -7.36 -29.66 -24.99
CA VAL B 318 -6.40 -30.14 -25.96
C VAL B 318 -5.44 -29.02 -26.38
N LEU B 319 -6.00 -27.84 -26.56
CA LEU B 319 -5.20 -26.68 -26.95
C LEU B 319 -4.16 -26.34 -25.89
N ASN B 320 -4.59 -26.31 -24.63
CA ASN B 320 -3.68 -26.00 -23.53
C ASN B 320 -2.67 -27.11 -23.28
N ALA B 321 -3.13 -28.35 -23.33
CA ALA B 321 -2.24 -29.50 -23.17
C ALA B 321 -1.15 -29.47 -24.22
N ALA B 322 -1.53 -29.12 -25.45
CA ALA B 322 -0.56 -29.00 -26.53
C ALA B 322 0.44 -27.89 -26.25
N GLY B 323 -0.05 -26.79 -25.69
CA GLY B 323 0.81 -25.69 -25.30
C GLY B 323 1.89 -26.13 -24.33
N ALA B 324 1.52 -26.99 -23.39
CA ALA B 324 2.48 -27.50 -22.40
C ALA B 324 3.51 -28.43 -23.05
N ILE B 325 3.08 -29.15 -24.08
CA ILE B 325 3.96 -30.07 -24.78
C ILE B 325 4.93 -29.30 -25.70
N VAL B 326 4.45 -28.21 -26.29
CA VAL B 326 5.30 -27.33 -27.08
C VAL B 326 6.38 -26.72 -26.19
N ALA B 327 6.00 -26.37 -24.97
CA ALA B 327 6.94 -25.82 -24.00
C ALA B 327 7.96 -26.88 -23.62
N HIS B 328 7.49 -28.12 -23.43
CA HIS B 328 8.35 -29.24 -23.11
C HIS B 328 9.36 -29.49 -24.22
N ALA B 329 8.93 -29.28 -25.46
CA ALA B 329 9.78 -29.51 -26.62
C ALA B 329 10.85 -28.43 -26.74
N GLY B 330 10.58 -27.25 -26.19
CA GLY B 330 11.50 -26.15 -26.26
C GLY B 330 12.79 -26.40 -25.48
N LEU B 331 12.77 -27.42 -24.63
CA LEU B 331 13.96 -27.79 -23.87
C LEU B 331 15.06 -28.31 -24.79
N GLU B 336 11.02 -26.67 -34.71
CA GLU B 336 10.25 -25.60 -35.34
C GLU B 336 9.00 -25.28 -34.50
N TRP B 337 8.37 -24.16 -34.82
CA TRP B 337 7.23 -23.66 -34.05
C TRP B 337 5.93 -24.37 -34.43
N LEU B 338 5.56 -24.28 -35.70
CA LEU B 338 4.29 -24.84 -36.17
C LEU B 338 4.22 -26.37 -36.05
N PRO B 339 5.23 -27.09 -36.55
CA PRO B 339 5.15 -28.54 -36.45
C PRO B 339 5.15 -29.05 -35.00
N ALA B 340 5.65 -28.24 -34.09
CA ALA B 340 5.64 -28.60 -32.67
C ALA B 340 4.22 -28.56 -32.13
N TRP B 341 3.44 -27.60 -32.60
CA TRP B 341 2.04 -27.48 -32.21
C TRP B 341 1.22 -28.63 -32.79
N GLU B 342 1.54 -29.02 -34.02
CA GLU B 342 0.84 -30.12 -34.67
C GLU B 342 1.01 -31.42 -33.88
N GLU B 343 2.25 -31.69 -33.49
CA GLU B 343 2.55 -32.90 -32.71
C GLU B 343 1.95 -32.81 -31.32
N GLY B 344 1.93 -31.61 -30.75
CA GLY B 344 1.37 -31.40 -29.43
C GLY B 344 -0.14 -31.65 -29.41
N LEU B 345 -0.83 -31.10 -30.40
CA LEU B 345 -2.27 -31.30 -30.52
C LEU B 345 -2.57 -32.77 -30.78
N ARG B 346 -1.69 -33.42 -31.52
CA ARG B 346 -1.87 -34.83 -31.87
C ARG B 346 -1.71 -35.73 -30.64
N ARG B 347 -0.68 -35.47 -29.85
CA ARG B 347 -0.40 -36.27 -28.66
C ARG B 347 -1.43 -36.06 -27.57
N ALA B 348 -1.94 -34.83 -27.46
CA ALA B 348 -2.94 -34.50 -26.45
C ALA B 348 -4.25 -35.22 -26.73
N SER B 349 -4.71 -35.15 -27.98
CA SER B 349 -5.95 -35.81 -28.38
C SER B 349 -5.87 -37.32 -28.15
N ALA B 350 -4.75 -37.92 -28.55
CA ALA B 350 -4.56 -39.36 -28.43
C ALA B 350 -4.56 -39.80 -26.96
N ALA B 351 -3.98 -38.97 -26.10
CA ALA B 351 -3.91 -39.30 -24.67
C ALA B 351 -5.31 -39.43 -24.08
N ILE B 352 -6.25 -38.63 -24.57
CA ILE B 352 -7.62 -38.67 -24.10
C ILE B 352 -8.40 -39.84 -24.72
N ASP B 353 -8.34 -39.94 -26.04
CA ASP B 353 -9.17 -40.90 -26.78
C ASP B 353 -8.82 -42.35 -26.48
N THR B 354 -7.56 -42.62 -26.15
CA THR B 354 -7.15 -43.97 -25.79
C THR B 354 -7.62 -44.33 -24.38
N GLY B 355 -7.96 -43.31 -23.60
CA GLY B 355 -8.41 -43.51 -22.23
C GLY B 355 -7.26 -43.49 -21.23
N ALA B 356 -6.06 -43.22 -21.72
CA ALA B 356 -4.87 -43.20 -20.87
C ALA B 356 -4.97 -42.12 -19.81
N ALA B 357 -5.61 -41.00 -20.16
CA ALA B 357 -5.78 -39.89 -19.24
C ALA B 357 -6.77 -40.25 -18.14
N GLU B 358 -7.81 -40.99 -18.51
CA GLU B 358 -8.81 -41.44 -17.55
C GLU B 358 -8.21 -42.47 -16.58
N GLN B 359 -7.46 -43.42 -17.10
CA GLN B 359 -6.84 -44.45 -16.27
C GLN B 359 -5.80 -43.86 -15.32
N LEU B 360 -4.98 -42.94 -15.83
CA LEU B 360 -3.96 -42.30 -15.03
C LEU B 360 -4.55 -41.66 -13.77
N LEU B 361 -5.73 -41.09 -13.91
CA LEU B 361 -6.44 -40.50 -12.79
C LEU B 361 -6.83 -41.56 -11.77
N ALA B 362 -7.30 -42.70 -12.26
CA ALA B 362 -7.72 -43.79 -11.38
C ALA B 362 -6.54 -44.34 -10.58
N ARG B 363 -5.41 -44.53 -11.26
CA ARG B 363 -4.21 -45.01 -10.59
C ARG B 363 -3.68 -43.98 -9.61
N TRP B 364 -4.01 -42.72 -9.85
CA TRP B 364 -3.59 -41.63 -8.98
C TRP B 364 -4.35 -41.70 -7.66
N VAL B 365 -5.63 -42.02 -7.75
CA VAL B 365 -6.48 -42.18 -6.57
C VAL B 365 -6.06 -43.41 -5.75
N ARG B 366 -5.94 -44.55 -6.44
CA ARG B 366 -5.57 -45.80 -5.78
C ARG B 366 -4.22 -45.69 -5.06
N PHE B 367 -3.33 -44.86 -5.61
CA PHE B 367 -2.02 -44.64 -5.00
C PHE B 367 -2.15 -44.04 -3.61
N GLY B 368 -3.05 -43.07 -3.47
CA GLY B 368 -3.25 -42.39 -2.20
C GLY B 368 -3.88 -43.29 -1.16
N ARG B 369 -4.69 -44.24 -1.61
CA ARG B 369 -5.39 -45.15 -0.71
C ARG B 369 -4.51 -46.30 -0.26
N GLN B 370 -3.28 -46.37 -0.79
CA GLN B 370 -2.36 -47.46 -0.47
C GLN B 370 -1.17 -46.96 0.33
#